data_8ZML
#
_entry.id   8ZML
#
_cell.length_a   79.889
_cell.length_b   89.595
_cell.length_c   97.577
_cell.angle_alpha   90.000
_cell.angle_beta   90.000
_cell.angle_gamma   90.000
#
_symmetry.space_group_name_H-M   'P 21 21 21'
#
loop_
_entity.id
_entity.type
_entity.pdbx_description
1 polymer 'TRAF2 and NCK-interacting protein kinase'
2 non-polymer Rentosertib
3 non-polymer 1,2-ETHANEDIOL
4 non-polymer 'MAGNESIUM ION'
5 water water
#
_entity_poly.entity_id   1
_entity_poly.type   'polypeptide(L)'
_entity_poly.pdbx_seq_one_letter_code
;LDEIDLSALRDPAGIFELVELVGNGTYGQVYKGRHVKTGQLAAIKVMDVTGDEEEEIKQEINMLKKYSHHRNIATYYGAF
IKKNPPGMDDQLWLVMEFCGAGSVTDLIKNTKGNTLKEEWIAYICREILRGLSHLHQHKVIHRDIKGQNVLLTENAEVKL
VDFGVSAQLDR(TPO)VGRRN(TPO)FIGTPYWMAPEVIACDENPDATYDFKSDLWSLGITAIEMAEGAPPLCDMHPMRA
LFLIPRNPAPRLKSKKWSKKFQSFIESCLVKNHSQRPATEQLMKHPFIRDQPNERQVRIQLKDHIDRTKKK
;
_entity_poly.pdbx_strand_id   A,B
#
loop_
_chem_comp.id
_chem_comp.type
_chem_comp.name
_chem_comp.formula
A1D8H non-polymer Rentosertib 'C27 H30 F N7 O'
EDO non-polymer 1,2-ETHANEDIOL 'C2 H6 O2'
MG non-polymer 'MAGNESIUM ION' 'Mg 2'
#
# COMPACT_ATOMS: atom_id res chain seq x y z
N ASP A 2 14.75 22.14 18.83
CA ASP A 2 14.49 21.00 17.91
C ASP A 2 14.65 19.67 18.69
N GLU A 3 13.83 19.48 19.74
CA GLU A 3 13.86 18.30 20.63
C GLU A 3 12.46 17.67 20.67
N ILE A 4 12.27 16.54 19.99
CA ILE A 4 11.00 15.75 20.00
C ILE A 4 11.20 14.51 20.89
N ASP A 5 10.22 14.24 21.75
CA ASP A 5 10.10 12.98 22.54
C ASP A 5 8.90 12.22 21.97
N LEU A 6 9.09 10.94 21.62
CA LEU A 6 8.03 10.07 21.02
C LEU A 6 7.44 9.15 22.09
N SER A 7 7.68 9.46 23.37
CA SER A 7 7.22 8.68 24.55
C SER A 7 5.90 9.26 25.07
N ALA A 8 5.81 10.60 25.17
CA ALA A 8 4.65 11.34 25.71
C ALA A 8 3.54 11.47 24.65
N LEU A 9 3.78 11.00 23.42
CA LEU A 9 2.75 10.92 22.35
C LEU A 9 1.64 9.95 22.78
N ARG A 10 0.39 10.28 22.46
CA ARG A 10 -0.82 9.54 22.92
C ARG A 10 -1.20 8.48 21.88
N ASP A 11 -2.01 7.50 22.29
CA ASP A 11 -2.50 6.40 21.42
C ASP A 11 -3.59 6.95 20.50
N PRO A 12 -3.57 6.61 19.18
CA PRO A 12 -4.58 7.11 18.24
C PRO A 12 -5.97 6.46 18.34
N ALA A 13 -6.11 5.42 19.17
CA ALA A 13 -7.37 4.65 19.37
C ALA A 13 -8.51 5.60 19.78
N GLY A 14 -9.64 5.53 19.07
CA GLY A 14 -10.85 6.33 19.34
C GLY A 14 -10.72 7.77 18.89
N ILE A 15 -9.76 8.07 18.02
CA ILE A 15 -9.52 9.44 17.46
C ILE A 15 -9.54 9.33 15.92
N PHE A 16 -8.53 8.68 15.33
CA PHE A 16 -8.40 8.46 13.86
C PHE A 16 -8.29 6.96 13.58
N GLU A 17 -8.85 6.54 12.43
CA GLU A 17 -8.81 5.15 11.92
C GLU A 17 -8.35 5.18 10.46
N LEU A 18 -7.63 4.14 10.02
CA LEU A 18 -7.13 3.99 8.63
C LEU A 18 -8.26 3.48 7.74
N VAL A 19 -8.65 4.24 6.71
CA VAL A 19 -9.74 3.89 5.75
C VAL A 19 -9.13 3.11 4.58
N GLU A 20 -8.37 3.78 3.71
CA GLU A 20 -7.69 3.16 2.53
C GLU A 20 -6.27 3.72 2.39
N LEU A 21 -5.40 2.94 1.74
CA LEU A 21 -4.01 3.32 1.37
C LEU A 21 -4.05 4.17 0.09
N VAL A 22 -3.51 5.39 0.16
CA VAL A 22 -3.56 6.41 -0.95
C VAL A 22 -2.19 6.55 -1.60
N GLY A 23 -1.11 6.24 -0.88
CA GLY A 23 0.27 6.29 -1.40
C GLY A 23 1.31 5.90 -0.36
N ASN A 24 2.57 6.30 -0.59
CA ASN A 24 3.72 6.06 0.32
C ASN A 24 4.68 7.25 0.23
N GLY A 25 5.50 7.46 1.28
CA GLY A 25 6.36 8.64 1.43
C GLY A 25 7.72 8.30 2.01
N THR A 26 8.73 8.12 1.15
CA THR A 26 10.14 7.83 1.50
C THR A 26 10.18 6.65 2.49
N TYR A 27 10.04 6.93 3.79
CA TYR A 27 9.83 5.92 4.87
C TYR A 27 8.38 6.03 5.35
N GLY A 28 7.54 5.03 5.04
CA GLY A 28 6.17 4.91 5.56
C GLY A 28 5.13 4.70 4.47
N GLN A 29 3.94 4.25 4.86
CA GLN A 29 2.74 4.09 4.00
C GLN A 29 1.72 5.15 4.41
N VAL A 30 1.23 5.95 3.45
CA VAL A 30 0.28 7.09 3.68
C VAL A 30 -1.14 6.61 3.39
N TYR A 31 -2.04 6.77 4.37
CA TYR A 31 -3.47 6.37 4.30
C TYR A 31 -4.36 7.61 4.30
N LYS A 32 -5.56 7.50 3.71
CA LYS A 32 -6.70 8.40 4.00
C LYS A 32 -7.27 8.01 5.36
N GLY A 33 -7.02 8.83 6.39
CA GLY A 33 -7.56 8.64 7.76
C GLY A 33 -8.83 9.45 7.95
N ARG A 34 -9.85 8.85 8.57
CA ARG A 34 -11.11 9.53 8.96
C ARG A 34 -11.16 9.60 10.50
N HIS A 35 -11.50 10.77 11.04
CA HIS A 35 -11.73 10.99 12.49
C HIS A 35 -13.00 10.24 12.90
N VAL A 36 -12.92 9.45 13.98
CA VAL A 36 -13.98 8.49 14.43
C VAL A 36 -15.30 9.25 14.65
N LYS A 37 -15.24 10.40 15.33
CA LYS A 37 -16.42 11.18 15.76
C LYS A 37 -16.94 12.06 14.61
N THR A 38 -16.09 12.99 14.13
CA THR A 38 -16.47 14.11 13.23
C THR A 38 -16.61 13.61 11.78
N GLY A 39 -15.87 12.58 11.38
CA GLY A 39 -15.78 12.11 9.98
C GLY A 39 -14.84 12.99 9.16
N GLN A 40 -13.99 13.75 9.84
CA GLN A 40 -12.99 14.69 9.24
C GLN A 40 -11.85 13.86 8.64
N LEU A 41 -11.55 14.09 7.36
CA LEU A 41 -10.50 13.34 6.60
C LEU A 41 -9.12 13.96 6.90
N ALA A 42 -8.09 13.12 6.93
CA ALA A 42 -6.67 13.51 7.19
C ALA A 42 -5.73 12.47 6.59
N ALA A 43 -4.64 12.92 5.96
CA ALA A 43 -3.53 12.07 5.49
C ALA A 43 -2.72 11.60 6.71
N ILE A 44 -2.52 10.29 6.86
CA ILE A 44 -1.80 9.66 8.01
C ILE A 44 -0.70 8.75 7.47
N LYS A 45 0.56 9.11 7.71
CA LYS A 45 1.76 8.30 7.37
C LYS A 45 2.10 7.41 8.57
N VAL A 46 2.03 6.08 8.38
CA VAL A 46 2.39 5.05 9.40
C VAL A 46 3.77 4.51 9.05
N MET A 47 4.66 4.42 10.05
CA MET A 47 6.05 3.91 9.88
C MET A 47 6.57 3.38 11.23
N ASP A 48 7.43 2.35 11.18
CA ASP A 48 8.09 1.75 12.36
C ASP A 48 9.17 2.71 12.87
N VAL A 49 9.16 3.00 14.18
CA VAL A 49 10.19 3.87 14.85
C VAL A 49 11.45 3.03 15.07
N THR A 50 12.28 2.92 14.04
CA THR A 50 13.58 2.19 14.04
C THR A 50 14.70 3.16 14.42
N GLY A 51 15.80 2.64 14.98
CA GLY A 51 17.01 3.42 15.33
C GLY A 51 17.70 3.97 14.09
N ASP A 52 17.50 3.32 12.94
CA ASP A 52 18.10 3.69 11.62
C ASP A 52 17.40 4.94 11.07
N GLU A 53 16.07 5.03 11.22
CA GLU A 53 15.23 6.13 10.65
C GLU A 53 14.68 7.03 11.77
N GLU A 54 15.31 7.04 12.95
CA GLU A 54 14.81 7.79 14.15
C GLU A 54 15.04 9.29 13.96
N GLU A 55 16.30 9.70 13.71
CA GLU A 55 16.70 11.12 13.57
C GLU A 55 16.09 11.73 12.30
N GLU A 56 15.84 10.91 11.28
CA GLU A 56 15.26 11.34 9.97
C GLU A 56 13.77 11.66 10.15
N ILE A 57 13.12 11.02 11.14
CA ILE A 57 11.68 11.21 11.48
C ILE A 57 11.54 12.45 12.37
N LYS A 58 12.47 12.65 13.32
CA LYS A 58 12.55 13.86 14.18
C LYS A 58 12.73 15.10 13.29
N GLN A 59 13.63 15.00 12.31
CA GLN A 59 13.93 16.05 11.29
C GLN A 59 12.64 16.46 10.58
N GLU A 60 11.86 15.49 10.11
CA GLU A 60 10.60 15.69 9.34
C GLU A 60 9.59 16.47 10.19
N ILE A 61 9.34 15.99 11.42
CA ILE A 61 8.32 16.57 12.37
C ILE A 61 8.65 18.04 12.63
N ASN A 62 9.89 18.33 13.06
CA ASN A 62 10.38 19.70 13.35
C ASN A 62 10.14 20.60 12.13
N MET A 63 10.52 20.13 10.94
CA MET A 63 10.37 20.85 9.65
C MET A 63 8.90 21.14 9.38
N LEU A 64 8.02 20.17 9.67
CA LEU A 64 6.55 20.29 9.46
C LEU A 64 5.95 21.25 10.50
N LYS A 65 6.37 21.13 11.77
CA LYS A 65 5.91 22.03 12.88
C LYS A 65 6.24 23.48 12.53
N LYS A 66 7.41 23.73 11.95
CA LYS A 66 7.97 25.10 11.72
C LYS A 66 7.33 25.75 10.49
N TYR A 67 7.24 25.03 9.36
CA TYR A 67 7.06 25.62 8.00
C TYR A 67 5.73 25.22 7.35
N SER A 68 5.03 24.19 7.83
CA SER A 68 3.86 23.59 7.15
C SER A 68 2.63 24.51 7.23
N HIS A 69 2.66 25.56 8.05
CA HIS A 69 1.59 26.60 8.15
C HIS A 69 1.36 27.26 6.79
N HIS A 70 2.42 27.41 5.99
CA HIS A 70 2.40 28.08 4.65
C HIS A 70 1.31 27.43 3.78
N ARG A 71 0.64 28.24 2.96
CA ARG A 71 -0.57 27.85 2.18
C ARG A 71 -0.20 26.85 1.07
N ASN A 72 1.07 26.79 0.67
CA ASN A 72 1.57 25.89 -0.43
C ASN A 72 2.27 24.66 0.15
N ILE A 73 2.13 24.41 1.46
N ILE A 73 2.12 24.42 1.46
CA ILE A 73 2.62 23.19 2.15
CA ILE A 73 2.61 23.20 2.18
C ILE A 73 1.45 22.56 2.91
C ILE A 73 1.42 22.56 2.91
N ALA A 74 1.20 21.26 2.71
CA ALA A 74 0.15 20.48 3.40
C ALA A 74 0.39 20.57 4.91
N THR A 75 -0.61 21.06 5.67
CA THR A 75 -0.48 21.45 7.09
C THR A 75 -0.42 20.21 7.98
N TYR A 76 0.63 20.12 8.82
CA TYR A 76 0.84 19.06 9.84
C TYR A 76 -0.04 19.38 11.06
N TYR A 77 -0.87 18.43 11.48
CA TYR A 77 -1.82 18.57 12.61
C TYR A 77 -1.15 18.10 13.92
N GLY A 78 -0.54 16.91 13.90
CA GLY A 78 0.16 16.33 15.06
C GLY A 78 0.54 14.89 14.84
N ALA A 79 0.96 14.19 15.91
CA ALA A 79 1.47 12.81 15.89
C ALA A 79 0.77 11.95 16.94
N PHE A 80 0.59 10.66 16.63
CA PHE A 80 0.19 9.58 17.58
C PHE A 80 1.19 8.43 17.45
N ILE A 81 1.18 7.50 18.40
CA ILE A 81 2.06 6.29 18.39
C ILE A 81 1.30 5.09 18.97
N LYS A 82 1.34 3.95 18.28
CA LYS A 82 0.82 2.64 18.77
C LYS A 82 1.98 1.81 19.30
N LYS A 83 1.89 1.36 20.55
CA LYS A 83 2.98 0.63 21.27
C LYS A 83 2.89 -0.87 20.96
N ASN A 84 3.87 -1.39 20.21
CA ASN A 84 4.09 -2.85 19.99
C ASN A 84 4.83 -3.40 21.21
N PRO A 85 4.76 -4.72 21.47
CA PRO A 85 5.36 -5.29 22.69
C PRO A 85 6.87 -5.06 22.78
N PRO A 86 7.44 -4.97 24.00
CA PRO A 86 8.86 -4.66 24.18
C PRO A 86 9.82 -5.45 23.27
N GLY A 87 10.82 -4.76 22.71
CA GLY A 87 11.80 -5.34 21.76
C GLY A 87 11.45 -5.04 20.32
N MET A 88 10.15 -4.89 20.02
CA MET A 88 9.62 -4.60 18.66
C MET A 88 9.54 -3.09 18.44
N ASP A 89 9.52 -2.65 17.18
CA ASP A 89 9.42 -1.23 16.77
C ASP A 89 7.95 -0.79 16.89
N ASP A 90 7.73 0.45 17.32
CA ASP A 90 6.38 1.06 17.54
C ASP A 90 5.94 1.76 16.25
N GLN A 91 4.63 1.76 15.98
CA GLN A 91 4.02 2.43 14.79
C GLN A 91 3.79 3.91 15.13
N LEU A 92 4.52 4.81 14.46
CA LEU A 92 4.35 6.29 14.56
C LEU A 92 3.35 6.75 13.50
N TRP A 93 2.30 7.44 13.92
CA TRP A 93 1.27 8.08 13.03
C TRP A 93 1.57 9.57 12.93
N LEU A 94 1.86 10.07 11.72
CA LEU A 94 1.95 11.53 11.42
C LEU A 94 0.67 11.95 10.68
N VAL A 95 -0.17 12.76 11.32
CA VAL A 95 -1.48 13.25 10.79
C VAL A 95 -1.24 14.58 10.07
N MET A 96 -1.97 14.83 8.98
CA MET A 96 -1.72 15.97 8.05
C MET A 96 -3.00 16.28 7.25
N GLU A 97 -3.10 17.52 6.76
CA GLU A 97 -4.12 17.98 5.78
C GLU A 97 -4.25 16.96 4.65
N PHE A 98 -5.45 16.45 4.40
CA PHE A 98 -5.78 15.50 3.30
C PHE A 98 -6.01 16.29 2.01
N CYS A 99 -5.20 16.02 0.98
CA CYS A 99 -5.31 16.63 -0.37
C CYS A 99 -6.18 15.74 -1.26
N GLY A 100 -7.47 16.06 -1.35
CA GLY A 100 -8.55 15.19 -1.86
C GLY A 100 -8.39 14.81 -3.32
N ALA A 101 -7.80 15.68 -4.14
CA ALA A 101 -7.66 15.50 -5.61
C ALA A 101 -6.44 14.62 -5.94
N GLY A 102 -5.54 14.42 -4.96
CA GLY A 102 -4.33 13.59 -5.11
C GLY A 102 -3.18 14.37 -5.72
N SER A 103 -2.23 13.67 -6.35
CA SER A 103 -0.94 14.22 -6.84
C SER A 103 -1.09 14.80 -8.25
N VAL A 104 -0.09 15.58 -8.69
CA VAL A 104 0.05 16.11 -10.07
C VAL A 104 0.23 14.93 -11.04
N THR A 105 0.97 13.90 -10.61
CA THR A 105 1.23 12.64 -11.37
C THR A 105 -0.10 11.93 -11.67
N ASP A 106 -1.04 11.93 -10.71
CA ASP A 106 -2.38 11.30 -10.84
C ASP A 106 -3.25 12.12 -11.80
N LEU A 107 -3.11 13.45 -11.79
CA LEU A 107 -3.85 14.38 -12.69
C LEU A 107 -3.37 14.16 -14.14
N ILE A 108 -2.06 14.05 -14.34
CA ILE A 108 -1.39 13.76 -15.65
C ILE A 108 -2.01 12.49 -16.24
N LYS A 109 -2.01 11.39 -15.48
CA LYS A 109 -2.50 10.05 -15.90
C LYS A 109 -3.99 10.11 -16.24
N ASN A 110 -4.75 11.00 -15.59
CA ASN A 110 -6.21 11.21 -15.81
C ASN A 110 -6.44 12.48 -16.64
N THR A 111 -5.63 12.67 -17.69
CA THR A 111 -5.74 13.80 -18.67
C THR A 111 -5.40 13.27 -20.07
N LYS A 112 -6.15 13.73 -21.10
CA LYS A 112 -6.01 13.27 -22.51
C LYS A 112 -4.57 13.49 -22.99
N GLY A 113 -3.95 12.45 -23.57
CA GLY A 113 -2.60 12.48 -24.14
C GLY A 113 -1.51 12.59 -23.08
N ASN A 114 -1.87 12.38 -21.81
CA ASN A 114 -0.98 12.54 -20.63
C ASN A 114 -0.23 13.87 -20.72
N THR A 115 -0.96 14.96 -21.01
CA THR A 115 -0.40 16.33 -21.19
C THR A 115 -1.39 17.35 -20.61
N LEU A 116 -0.90 18.21 -19.70
CA LEU A 116 -1.69 19.30 -19.07
C LEU A 116 -1.58 20.57 -19.93
N LYS A 117 -2.53 21.50 -19.79
CA LYS A 117 -2.52 22.83 -20.46
C LYS A 117 -1.36 23.65 -19.89
N GLU A 118 -0.83 24.60 -20.68
CA GLU A 118 0.27 25.52 -20.27
C GLU A 118 -0.20 26.36 -19.08
N GLU A 119 -1.49 26.69 -19.04
CA GLU A 119 -2.12 27.61 -18.05
C GLU A 119 -2.20 26.91 -16.68
N TRP A 120 -2.43 25.59 -16.65
CA TRP A 120 -2.40 24.77 -15.40
C TRP A 120 -0.95 24.64 -14.93
N ILE A 121 -0.03 24.31 -15.85
CA ILE A 121 1.42 24.11 -15.58
C ILE A 121 1.99 25.41 -15.00
N ALA A 122 1.59 26.56 -15.55
CA ALA A 122 2.00 27.92 -15.09
C ALA A 122 1.50 28.16 -13.66
N TYR A 123 0.21 27.91 -13.41
CA TYR A 123 -0.45 28.05 -12.09
C TYR A 123 0.30 27.21 -11.05
N ILE A 124 0.44 25.90 -11.34
CA ILE A 124 1.05 24.89 -10.42
C ILE A 124 2.51 25.26 -10.16
N CYS A 125 3.28 25.55 -11.22
CA CYS A 125 4.72 25.89 -11.17
C CYS A 125 4.95 27.07 -10.22
N ARG A 126 4.07 28.08 -10.25
CA ARG A 126 4.18 29.30 -9.41
C ARG A 126 3.87 28.95 -7.95
N GLU A 127 2.84 28.12 -7.72
CA GLU A 127 2.43 27.68 -6.35
C GLU A 127 3.56 26.84 -5.73
N ILE A 128 4.22 26.00 -6.53
CA ILE A 128 5.42 25.21 -6.12
C ILE A 128 6.54 26.20 -5.75
N LEU A 129 6.80 27.17 -6.63
CA LEU A 129 7.84 28.23 -6.44
C LEU A 129 7.58 29.01 -5.15
N ARG A 130 6.31 29.31 -4.85
CA ARG A 130 5.89 30.03 -3.62
C ARG A 130 6.19 29.16 -2.40
N GLY A 131 5.93 27.85 -2.49
CA GLY A 131 6.28 26.86 -1.47
C GLY A 131 7.79 26.75 -1.30
N LEU A 132 8.53 26.65 -2.41
CA LEU A 132 10.01 26.52 -2.42
C LEU A 132 10.64 27.82 -1.89
N SER A 133 10.13 28.99 -2.30
CA SER A 133 10.60 30.33 -1.87
C SER A 133 10.54 30.43 -0.34
N HIS A 134 9.42 30.03 0.25
CA HIS A 134 9.21 29.99 1.73
C HIS A 134 10.29 29.09 2.37
N LEU A 135 10.46 27.87 1.85
CA LEU A 135 11.42 26.85 2.38
C LEU A 135 12.85 27.38 2.28
N HIS A 136 13.25 27.91 1.11
CA HIS A 136 14.62 28.38 0.81
C HIS A 136 14.98 29.57 1.71
N GLN A 137 14.01 30.44 2.01
CA GLN A 137 14.18 31.60 2.92
C GLN A 137 14.51 31.14 4.35
N HIS A 138 14.05 29.94 4.72
CA HIS A 138 14.29 29.31 6.06
C HIS A 138 15.42 28.28 5.96
N LYS A 139 16.33 28.43 4.99
CA LYS A 139 17.53 27.57 4.80
C LYS A 139 17.12 26.10 4.65
N VAL A 140 16.01 25.82 3.98
CA VAL A 140 15.49 24.45 3.74
C VAL A 140 15.66 24.11 2.26
N ILE A 141 16.12 22.89 1.95
CA ILE A 141 16.09 22.27 0.61
C ILE A 141 15.19 21.04 0.70
N HIS A 142 14.17 20.95 -0.17
CA HIS A 142 13.19 19.82 -0.23
C HIS A 142 13.92 18.55 -0.67
N ARG A 143 14.63 18.62 -1.80
CA ARG A 143 15.56 17.59 -2.35
C ARG A 143 14.79 16.41 -2.94
N ASP A 144 13.47 16.51 -3.10
CA ASP A 144 12.63 15.44 -3.72
C ASP A 144 11.36 16.07 -4.32
N ILE A 145 11.53 17.16 -5.09
CA ILE A 145 10.41 17.84 -5.82
C ILE A 145 10.10 17.03 -7.08
N LYS A 146 8.86 16.54 -7.18
CA LYS A 146 8.35 15.73 -8.31
C LYS A 146 6.82 15.72 -8.23
N GLY A 147 6.14 15.36 -9.33
CA GLY A 147 4.67 15.32 -9.44
C GLY A 147 4.03 14.59 -8.27
N GLN A 148 4.65 13.52 -7.78
CA GLN A 148 4.14 12.64 -6.69
C GLN A 148 4.05 13.43 -5.37
N ASN A 149 4.93 14.42 -5.17
CA ASN A 149 5.07 15.18 -3.91
C ASN A 149 4.42 16.58 -4.04
N VAL A 150 3.72 16.83 -5.15
CA VAL A 150 2.89 18.05 -5.36
C VAL A 150 1.42 17.60 -5.43
N LEU A 151 0.64 17.89 -4.40
CA LEU A 151 -0.77 17.44 -4.25
C LEU A 151 -1.73 18.62 -4.46
N LEU A 152 -3.01 18.31 -4.74
CA LEU A 152 -4.10 19.28 -4.94
C LEU A 152 -5.24 18.96 -3.98
N THR A 153 -5.84 19.98 -3.35
CA THR A 153 -7.01 19.85 -2.46
C THR A 153 -8.29 19.78 -3.32
N GLU A 154 -9.46 19.68 -2.68
CA GLU A 154 -10.79 19.70 -3.36
C GLU A 154 -10.96 21.03 -4.10
N ASN A 155 -10.35 22.11 -3.59
CA ASN A 155 -10.41 23.48 -4.15
C ASN A 155 -9.32 23.70 -5.21
N ALA A 156 -8.51 22.68 -5.49
CA ALA A 156 -7.36 22.72 -6.43
C ALA A 156 -6.27 23.67 -5.92
N GLU A 157 -6.07 23.71 -4.59
CA GLU A 157 -4.97 24.43 -3.93
C GLU A 157 -3.73 23.52 -3.92
N VAL A 158 -2.60 24.02 -4.43
CA VAL A 158 -1.33 23.24 -4.60
C VAL A 158 -0.64 23.14 -3.24
N LYS A 159 -0.13 21.95 -2.89
CA LYS A 159 0.51 21.64 -1.58
C LYS A 159 1.76 20.76 -1.81
N LEU A 160 2.91 21.16 -1.26
CA LEU A 160 4.16 20.34 -1.23
C LEU A 160 4.09 19.39 -0.04
N VAL A 161 4.58 18.15 -0.20
CA VAL A 161 4.55 17.08 0.84
C VAL A 161 5.87 16.30 0.81
N ASP A 162 6.12 15.52 1.87
CA ASP A 162 7.26 14.58 2.02
C ASP A 162 8.56 15.36 2.20
N PHE A 163 8.92 15.64 3.46
CA PHE A 163 10.19 16.29 3.88
C PHE A 163 11.13 15.23 4.46
N GLY A 164 10.99 13.99 4.00
CA GLY A 164 11.70 12.80 4.53
C GLY A 164 13.18 12.78 4.15
N VAL A 165 13.55 13.47 3.07
CA VAL A 165 14.96 13.55 2.56
C VAL A 165 15.36 15.02 2.41
N SER A 166 14.68 15.92 3.14
CA SER A 166 14.91 17.40 3.10
C SER A 166 16.05 17.76 4.05
N ALA A 167 16.83 18.80 3.70
CA ALA A 167 18.01 19.29 4.45
C ALA A 167 17.66 20.61 5.16
N GLN A 168 18.03 20.72 6.44
CA GLN A 168 17.96 21.97 7.24
C GLN A 168 19.37 22.53 7.40
N LEU A 169 19.62 23.71 6.80
CA LEU A 169 20.95 24.39 6.83
C LEU A 169 20.96 25.44 7.95
N ASP A 170 22.15 25.69 8.52
CA ASP A 170 22.39 26.70 9.58
C ASP A 170 22.62 28.06 8.92
N ARG A 171 23.60 28.14 8.01
CA ARG A 171 24.02 29.36 7.29
C ARG A 171 23.24 29.49 5.99
N TPO A 172 23.18 30.72 5.47
CA TPO A 172 22.46 31.02 4.23
CB TPO A 172 22.20 32.53 4.10
CG2 TPO A 172 21.22 32.86 2.99
OG1 TPO A 172 21.62 33.00 5.37
P TPO A 172 22.41 34.01 6.35
O1P TPO A 172 22.65 35.28 5.54
O2P TPO A 172 21.49 34.23 7.53
O3P TPO A 172 23.70 33.30 6.73
C TPO A 172 23.25 30.48 3.04
O TPO A 172 22.66 29.95 2.10
N VAL A 173 24.58 30.63 3.10
CA VAL A 173 25.47 30.19 2.04
C VAL A 173 25.83 28.71 2.26
N GLY A 174 25.32 28.08 3.32
CA GLY A 174 25.53 26.66 3.66
C GLY A 174 25.22 25.74 2.49
N ARG A 175 25.85 24.56 2.46
CA ARG A 175 25.80 23.60 1.32
C ARG A 175 25.65 22.17 1.85
N ARG A 176 25.16 21.26 1.00
CA ARG A 176 24.95 19.81 1.32
C ARG A 176 25.71 18.96 0.30
N ASN A 177 25.95 17.67 0.63
CA ASN A 177 26.78 16.75 -0.18
C ASN A 177 26.18 15.35 -0.24
N TPO A 178 24.92 15.18 0.18
CA TPO A 178 24.31 13.86 0.24
CB TPO A 178 23.28 13.78 1.39
CG2 TPO A 178 22.68 12.39 1.53
OG1 TPO A 178 23.99 14.07 2.64
P TPO A 178 23.50 15.25 3.63
O1P TPO A 178 24.13 14.94 4.97
O2P TPO A 178 21.99 15.17 3.66
O3P TPO A 178 24.01 16.54 3.03
C TPO A 178 23.69 13.54 -1.12
O TPO A 178 22.86 14.29 -1.62
N PHE A 179 24.11 12.40 -1.69
CA PHE A 179 23.51 11.88 -2.90
C PHE A 179 22.13 11.29 -2.55
N ILE A 180 21.07 12.07 -2.78
CA ILE A 180 19.67 11.74 -2.35
C ILE A 180 18.67 12.41 -3.30
N GLY A 181 17.45 11.87 -3.36
CA GLY A 181 16.37 12.31 -4.27
C GLY A 181 15.89 11.16 -5.15
N THR A 182 14.99 11.44 -6.09
CA THR A 182 14.49 10.48 -7.10
C THR A 182 15.29 10.67 -8.39
N PRO A 183 16.07 9.65 -8.84
CA PRO A 183 17.04 9.82 -9.92
C PRO A 183 16.62 10.69 -11.12
N TYR A 184 15.43 10.45 -11.69
CA TYR A 184 14.94 11.13 -12.92
C TYR A 184 14.84 12.66 -12.69
N TRP A 185 14.58 13.08 -11.45
CA TRP A 185 14.33 14.50 -11.07
C TRP A 185 15.58 15.15 -10.44
N MET A 186 16.58 14.36 -10.04
CA MET A 186 17.79 14.84 -9.32
C MET A 186 18.62 15.74 -10.25
N ALA A 187 19.19 16.82 -9.69
CA ALA A 187 20.02 17.81 -10.42
C ALA A 187 21.43 17.26 -10.64
N PRO A 188 22.16 17.73 -11.67
CA PRO A 188 23.51 17.24 -11.95
C PRO A 188 24.49 17.40 -10.79
N GLU A 189 24.45 18.53 -10.09
CA GLU A 189 25.36 18.88 -8.97
C GLU A 189 25.07 17.97 -7.75
N VAL A 190 23.84 17.44 -7.66
CA VAL A 190 23.42 16.46 -6.60
C VAL A 190 23.96 15.08 -6.98
N ILE A 191 23.80 14.68 -8.25
CA ILE A 191 24.25 13.37 -8.81
C ILE A 191 25.78 13.27 -8.70
N ALA A 192 26.49 14.40 -8.85
CA ALA A 192 27.96 14.52 -8.77
C ALA A 192 28.47 13.91 -7.46
N CYS A 193 27.73 14.10 -6.36
CA CYS A 193 28.11 13.71 -4.97
C CYS A 193 28.19 12.18 -4.81
N ASP A 194 27.60 11.40 -5.73
CA ASP A 194 27.62 9.92 -5.71
C ASP A 194 29.08 9.42 -5.73
N GLU A 195 29.84 9.84 -6.74
CA GLU A 195 31.24 9.39 -6.99
C GLU A 195 32.23 10.43 -6.44
N ASN A 196 32.03 11.71 -6.77
CA ASN A 196 32.90 12.85 -6.33
C ASN A 196 32.58 13.17 -4.87
N PRO A 197 33.54 12.99 -3.93
CA PRO A 197 33.29 13.27 -2.52
C PRO A 197 33.43 14.76 -2.12
N ASP A 198 34.00 15.59 -3.00
CA ASP A 198 34.27 17.03 -2.75
C ASP A 198 33.13 17.89 -3.32
N ALA A 199 32.21 17.30 -4.08
CA ALA A 199 31.06 18.00 -4.72
C ALA A 199 30.04 18.41 -3.66
N THR A 200 29.52 19.64 -3.76
CA THR A 200 28.50 20.22 -2.86
C THR A 200 27.40 20.90 -3.70
N TYR A 201 26.18 20.96 -3.17
CA TYR A 201 24.99 21.61 -3.81
C TYR A 201 24.22 22.41 -2.75
N ASP A 202 23.19 23.14 -3.19
CA ASP A 202 22.33 24.00 -2.31
C ASP A 202 20.90 24.02 -2.87
N PHE A 203 20.10 25.03 -2.47
CA PHE A 203 18.67 25.22 -2.81
C PHE A 203 18.43 25.15 -4.32
N LYS A 204 19.43 25.54 -5.14
CA LYS A 204 19.36 25.59 -6.63
C LYS A 204 18.86 24.24 -7.19
N SER A 205 19.21 23.13 -6.53
CA SER A 205 18.86 21.74 -6.96
C SER A 205 17.34 21.54 -7.05
N ASP A 206 16.56 22.23 -6.19
CA ASP A 206 15.08 22.15 -6.18
C ASP A 206 14.50 22.79 -7.45
N LEU A 207 15.17 23.82 -7.99
CA LEU A 207 14.71 24.57 -9.18
C LEU A 207 14.94 23.74 -10.45
N TRP A 208 15.93 22.84 -10.44
CA TRP A 208 16.13 21.83 -11.52
C TRP A 208 14.97 20.83 -11.49
N SER A 209 14.71 20.24 -10.32
CA SER A 209 13.64 19.24 -10.07
C SER A 209 12.28 19.82 -10.48
N LEU A 210 12.05 21.11 -10.21
CA LEU A 210 10.85 21.87 -10.66
C LEU A 210 10.81 21.87 -12.20
N GLY A 211 11.96 22.13 -12.83
CA GLY A 211 12.14 22.09 -14.30
C GLY A 211 11.72 20.75 -14.88
N ILE A 212 12.13 19.65 -14.23
CA ILE A 212 11.80 18.25 -14.66
C ILE A 212 10.32 17.98 -14.38
N THR A 213 9.79 18.52 -13.27
CA THR A 213 8.36 18.38 -12.86
C THR A 213 7.45 19.08 -13.87
N ALA A 214 7.93 20.17 -14.47
CA ALA A 214 7.22 20.96 -15.52
C ALA A 214 7.14 20.12 -16.80
N ILE A 215 8.25 19.49 -17.19
CA ILE A 215 8.34 18.54 -18.35
C ILE A 215 7.45 17.32 -18.05
N GLU A 216 7.46 16.85 -16.80
CA GLU A 216 6.62 15.71 -16.32
C GLU A 216 5.14 16.04 -16.59
N MET A 217 4.72 17.26 -16.27
CA MET A 217 3.32 17.75 -16.46
C MET A 217 3.03 17.93 -17.96
N ALA A 218 4.00 18.47 -18.70
CA ALA A 218 3.89 18.79 -20.14
C ALA A 218 3.71 17.51 -20.98
N GLU A 219 4.60 16.53 -20.79
CA GLU A 219 4.76 15.35 -21.67
C GLU A 219 4.15 14.08 -21.06
N GLY A 220 4.00 14.03 -19.72
CA GLY A 220 3.36 12.92 -18.99
C GLY A 220 4.32 12.15 -18.12
N ALA A 221 5.62 12.28 -18.38
CA ALA A 221 6.73 11.62 -17.64
C ALA A 221 7.99 12.45 -17.78
N PRO A 222 8.99 12.31 -16.87
CA PRO A 222 10.23 13.07 -16.97
C PRO A 222 11.12 12.57 -18.11
N PRO A 223 12.18 13.32 -18.49
CA PRO A 223 13.17 12.83 -19.45
C PRO A 223 13.86 11.54 -18.94
N LEU A 224 14.17 10.62 -19.85
CA LEU A 224 14.92 9.35 -19.59
C LEU A 224 14.11 8.43 -18.67
N CYS A 225 12.78 8.48 -18.75
N CYS A 225 12.78 8.49 -18.75
CA CYS A 225 11.85 7.68 -17.90
CA CYS A 225 11.83 7.70 -17.94
C CYS A 225 11.79 6.23 -18.39
C CYS A 225 11.82 6.23 -18.39
N ASP A 226 12.10 5.99 -19.67
CA ASP A 226 12.09 4.64 -20.30
C ASP A 226 13.22 3.79 -19.69
N MET A 227 14.45 4.28 -19.75
CA MET A 227 15.67 3.57 -19.30
C MET A 227 15.69 3.45 -17.77
N HIS A 228 16.58 2.60 -17.24
CA HIS A 228 16.76 2.29 -15.79
C HIS A 228 17.29 3.54 -15.08
N PRO A 229 16.87 3.82 -13.83
CA PRO A 229 17.36 4.97 -13.07
C PRO A 229 18.90 5.12 -13.07
N MET A 230 19.62 4.01 -12.88
N MET A 230 19.62 4.01 -12.88
CA MET A 230 21.11 3.94 -12.90
CA MET A 230 21.12 3.97 -12.90
C MET A 230 21.62 4.31 -14.30
C MET A 230 21.64 4.30 -14.31
N ARG A 231 20.88 3.95 -15.35
CA ARG A 231 21.18 4.31 -16.77
C ARG A 231 20.88 5.79 -17.01
N ALA A 232 20.05 6.41 -16.17
CA ALA A 232 19.64 7.83 -16.26
C ALA A 232 20.62 8.73 -15.49
N LEU A 233 21.10 8.26 -14.33
CA LEU A 233 22.02 9.02 -13.42
C LEU A 233 23.33 9.36 -14.14
N PHE A 234 23.79 8.51 -15.08
CA PHE A 234 25.06 8.66 -15.82
C PHE A 234 24.94 9.75 -16.88
N LEU A 235 23.77 9.88 -17.52
CA LEU A 235 23.54 10.72 -18.73
C LEU A 235 23.23 12.17 -18.32
N ILE A 236 22.47 12.37 -17.23
CA ILE A 236 21.99 13.71 -16.77
C ILE A 236 23.17 14.69 -16.70
N PRO A 237 24.29 14.34 -16.03
CA PRO A 237 25.44 15.25 -15.94
C PRO A 237 26.13 15.58 -17.27
N ARG A 238 26.11 14.65 -18.24
CA ARG A 238 26.91 14.73 -19.50
C ARG A 238 26.02 15.16 -20.68
N ASN A 239 24.76 14.71 -20.74
CA ASN A 239 23.79 15.09 -21.80
C ASN A 239 23.49 16.58 -21.72
N PRO A 240 23.06 17.22 -22.83
CA PRO A 240 22.62 18.61 -22.79
C PRO A 240 21.27 18.75 -22.09
N ALA A 241 20.99 19.91 -21.50
CA ALA A 241 19.76 20.23 -20.75
C ALA A 241 18.54 19.71 -21.50
N PRO A 242 17.67 18.89 -20.86
CA PRO A 242 16.46 18.39 -21.53
C PRO A 242 15.51 19.52 -21.91
N ARG A 243 14.85 19.40 -23.07
CA ARG A 243 13.89 20.40 -23.62
C ARG A 243 12.54 19.71 -23.88
N LEU A 244 11.52 20.49 -24.22
CA LEU A 244 10.18 20.00 -24.62
C LEU A 244 10.26 19.44 -26.04
N LYS A 245 9.74 18.22 -26.27
CA LYS A 245 9.76 17.52 -27.58
C LYS A 245 9.01 18.37 -28.62
N SER A 246 7.78 18.80 -28.28
CA SER A 246 6.87 19.59 -29.16
C SER A 246 7.26 21.08 -29.12
N LYS A 247 6.94 21.82 -30.19
CA LYS A 247 7.17 23.28 -30.32
C LYS A 247 5.83 24.03 -30.23
N LYS A 248 4.71 23.32 -30.07
CA LYS A 248 3.35 23.89 -29.91
C LYS A 248 3.29 24.70 -28.60
N TRP A 249 4.09 24.31 -27.59
CA TRP A 249 4.27 25.05 -26.32
C TRP A 249 4.80 26.46 -26.64
N SER A 250 4.35 27.47 -25.88
CA SER A 250 4.71 28.90 -26.06
C SER A 250 6.23 29.08 -25.85
N LYS A 251 6.79 30.17 -26.40
CA LYS A 251 8.23 30.49 -26.33
C LYS A 251 8.60 30.84 -24.88
N LYS A 252 7.65 31.35 -24.10
CA LYS A 252 7.83 31.73 -22.67
C LYS A 252 7.93 30.47 -21.81
N PHE A 253 7.20 29.41 -22.14
CA PHE A 253 7.20 28.10 -21.42
C PHE A 253 8.53 27.38 -21.72
N GLN A 254 8.97 27.41 -22.98
CA GLN A 254 10.29 26.88 -23.43
C GLN A 254 11.41 27.65 -22.70
N SER A 255 11.22 28.96 -22.49
CA SER A 255 12.18 29.86 -21.81
C SER A 255 12.23 29.55 -20.31
N PHE A 256 11.11 29.13 -19.71
CA PHE A 256 11.00 28.78 -18.28
C PHE A 256 11.78 27.48 -18.01
N ILE A 257 11.61 26.48 -18.87
CA ILE A 257 12.31 25.16 -18.79
C ILE A 257 13.82 25.40 -18.98
N GLU A 258 14.17 26.30 -19.91
CA GLU A 258 15.57 26.71 -20.21
C GLU A 258 16.20 27.36 -18.97
N SER A 259 15.46 28.22 -18.28
CA SER A 259 15.88 28.94 -17.05
C SER A 259 16.04 27.96 -15.89
N CYS A 260 15.08 27.05 -15.70
CA CYS A 260 15.06 26.02 -14.63
C CYS A 260 16.22 25.04 -14.80
N LEU A 261 16.44 24.55 -16.03
CA LEU A 261 17.39 23.43 -16.33
C LEU A 261 18.70 23.99 -16.91
N VAL A 262 19.38 24.86 -16.16
CA VAL A 262 20.80 25.26 -16.41
C VAL A 262 21.68 24.31 -15.59
N LYS A 263 22.46 23.45 -16.27
CA LYS A 263 23.24 22.34 -15.66
C LYS A 263 24.24 22.90 -14.64
N ASN A 264 24.92 23.99 -14.98
CA ASN A 264 25.83 24.74 -14.05
C ASN A 264 24.98 25.52 -13.06
N HIS A 265 24.98 25.11 -11.79
CA HIS A 265 24.14 25.66 -10.70
C HIS A 265 24.51 27.11 -10.39
N SER A 266 25.75 27.52 -10.70
CA SER A 266 26.26 28.91 -10.50
C SER A 266 25.52 29.90 -11.40
N GLN A 267 25.22 29.51 -12.64
CA GLN A 267 24.54 30.35 -13.66
C GLN A 267 23.01 30.25 -13.53
N ARG A 268 22.51 29.24 -12.80
CA ARG A 268 21.06 28.95 -12.64
C ARG A 268 20.40 30.06 -11.83
N PRO A 269 19.24 30.61 -12.28
CA PRO A 269 18.52 31.62 -11.50
C PRO A 269 18.01 31.07 -10.16
N ALA A 270 17.96 31.93 -9.13
CA ALA A 270 17.39 31.65 -7.80
C ALA A 270 15.86 31.59 -7.89
N THR A 271 15.19 31.33 -6.76
CA THR A 271 13.72 31.19 -6.66
C THR A 271 13.04 32.52 -7.03
N GLU A 272 13.46 33.61 -6.39
CA GLU A 272 12.88 34.97 -6.56
C GLU A 272 13.02 35.44 -8.01
N GLN A 273 14.05 34.96 -8.73
CA GLN A 273 14.32 35.32 -10.15
C GLN A 273 13.30 34.58 -11.06
N LEU A 274 13.02 33.31 -10.78
CA LEU A 274 12.08 32.46 -11.57
C LEU A 274 10.64 32.98 -11.44
N MET A 275 10.30 33.61 -10.30
N MET A 275 10.31 33.59 -10.29
CA MET A 275 8.97 34.20 -10.04
CA MET A 275 8.99 34.23 -10.03
C MET A 275 8.72 35.36 -11.02
C MET A 275 8.73 35.33 -11.05
N LYS A 276 9.76 36.11 -11.38
CA LYS A 276 9.68 37.30 -12.28
C LYS A 276 9.68 36.87 -13.75
N HIS A 277 9.91 35.59 -14.05
CA HIS A 277 9.88 35.03 -15.42
C HIS A 277 8.47 35.16 -16.00
N PRO A 278 8.32 35.67 -17.25
CA PRO A 278 6.99 35.89 -17.84
C PRO A 278 5.99 34.74 -17.70
N PHE A 279 6.46 33.49 -17.82
CA PHE A 279 5.64 32.25 -17.72
C PHE A 279 4.96 32.18 -16.34
N ILE A 280 5.63 32.67 -15.30
CA ILE A 280 5.14 32.69 -13.89
C ILE A 280 4.36 33.98 -13.65
N ARG A 281 4.94 35.14 -14.01
CA ARG A 281 4.40 36.50 -13.72
C ARG A 281 3.06 36.69 -14.45
N ASP A 282 3.00 36.37 -15.74
CA ASP A 282 1.85 36.67 -16.64
C ASP A 282 0.96 35.43 -16.77
N GLN A 283 -0.20 35.44 -16.09
CA GLN A 283 -1.18 34.31 -16.07
C GLN A 283 -2.60 34.86 -15.99
N PRO A 284 -3.59 34.25 -16.71
CA PRO A 284 -5.00 34.62 -16.53
C PRO A 284 -5.52 34.21 -15.14
N GLU A 286 -5.68 32.54 -11.61
CA GLU A 286 -4.58 33.30 -10.94
C GLU A 286 -4.72 33.10 -9.42
N ARG A 287 -5.76 33.68 -8.82
CA ARG A 287 -6.15 33.48 -7.39
C ARG A 287 -7.68 33.43 -7.28
N GLN A 288 -8.36 32.95 -8.33
CA GLN A 288 -9.85 32.85 -8.40
C GLN A 288 -10.24 31.89 -9.53
N VAL A 289 -9.76 32.13 -10.75
CA VAL A 289 -10.09 31.33 -11.97
C VAL A 289 -9.23 30.06 -11.98
N ARG A 290 -9.70 29.00 -11.30
CA ARG A 290 -9.18 27.62 -11.37
C ARG A 290 -10.36 26.66 -11.56
N ILE A 291 -11.29 27.01 -12.45
CA ILE A 291 -12.58 26.30 -12.66
C ILE A 291 -12.32 25.00 -13.42
N GLN A 292 -11.49 25.07 -14.46
CA GLN A 292 -11.10 23.93 -15.33
C GLN A 292 -10.55 22.78 -14.47
N LEU A 293 -9.61 23.09 -13.56
CA LEU A 293 -8.96 22.11 -12.64
C LEU A 293 -10.02 21.50 -11.70
N LYS A 294 -10.81 22.35 -11.04
CA LYS A 294 -11.88 21.94 -10.07
C LYS A 294 -12.93 21.08 -10.80
N ASP A 295 -13.19 21.35 -12.08
CA ASP A 295 -14.13 20.58 -12.93
C ASP A 295 -13.45 19.27 -13.39
N HIS A 296 -12.16 19.35 -13.73
CA HIS A 296 -11.34 18.20 -14.20
C HIS A 296 -11.31 17.10 -13.13
N ILE A 297 -11.19 17.48 -11.85
CA ILE A 297 -11.13 16.55 -10.68
C ILE A 297 -12.54 16.09 -10.30
N ASP A 298 -13.57 16.86 -10.66
CA ASP A 298 -14.99 16.51 -10.40
C ASP A 298 -15.44 15.41 -11.37
N ARG A 299 -14.88 15.39 -12.58
CA ARG A 299 -15.11 14.34 -13.61
C ARG A 299 -14.51 13.01 -13.12
N THR A 300 -13.40 13.08 -12.39
CA THR A 300 -12.69 11.90 -11.78
C THR A 300 -13.53 11.32 -10.64
N LYS A 301 -14.19 12.19 -9.85
CA LYS A 301 -15.02 11.81 -8.67
C LYS A 301 -16.20 10.94 -9.13
N LYS A 302 -16.85 11.32 -10.23
CA LYS A 302 -18.04 10.63 -10.81
C LYS A 302 -17.69 9.18 -11.15
N LYS A 303 -16.76 8.99 -12.09
CA LYS A 303 -16.36 7.66 -12.62
C LYS A 303 -15.43 6.97 -11.61
N LEU B 1 11.14 2.39 -1.52
CA LEU B 1 9.76 2.14 -2.03
C LEU B 1 9.44 0.65 -1.87
N ASP B 2 9.03 0.25 -0.67
CA ASP B 2 8.70 -1.16 -0.27
C ASP B 2 9.95 -2.02 -0.37
N GLU B 3 11.13 -1.45 -0.07
CA GLU B 3 12.44 -2.16 -0.01
C GLU B 3 12.67 -2.63 1.42
N ILE B 4 12.89 -3.93 1.61
CA ILE B 4 13.07 -4.59 2.95
C ILE B 4 14.49 -5.15 3.03
N ASP B 5 15.14 -4.96 4.17
CA ASP B 5 16.49 -5.52 4.49
C ASP B 5 16.34 -6.55 5.61
N LEU B 6 16.38 -7.83 5.27
CA LEU B 6 16.22 -8.97 6.22
C LEU B 6 17.41 -9.02 7.18
N SER B 7 18.57 -8.50 6.77
CA SER B 7 19.81 -8.41 7.60
C SER B 7 19.58 -7.45 8.79
N ALA B 8 18.84 -6.36 8.58
CA ALA B 8 18.63 -5.27 9.55
C ALA B 8 17.56 -5.64 10.59
N LEU B 9 16.95 -6.83 10.47
CA LEU B 9 15.96 -7.36 11.45
C LEU B 9 16.69 -7.79 12.74
N ARG B 10 15.99 -7.69 13.87
CA ARG B 10 16.53 -7.96 15.22
C ARG B 10 16.51 -9.48 15.49
N ASP B 11 17.35 -9.95 16.41
CA ASP B 11 17.36 -11.36 16.89
C ASP B 11 16.20 -11.55 17.85
N PRO B 12 15.40 -12.64 17.73
CA PRO B 12 14.20 -12.81 18.56
C PRO B 12 14.47 -13.29 20.00
N ALA B 13 15.67 -13.82 20.26
CA ALA B 13 16.09 -14.38 21.56
C ALA B 13 15.96 -13.32 22.66
N GLY B 14 15.22 -13.63 23.73
CA GLY B 14 14.94 -12.72 24.85
C GLY B 14 13.88 -11.69 24.50
N ILE B 15 13.00 -12.01 23.54
CA ILE B 15 11.84 -11.17 23.13
C ILE B 15 10.61 -12.09 22.98
N PHE B 16 10.66 -13.03 22.04
CA PHE B 16 9.61 -14.06 21.79
C PHE B 16 10.26 -15.45 21.80
N GLU B 17 9.55 -16.43 22.36
CA GLU B 17 9.95 -17.87 22.35
C GLU B 17 8.76 -18.71 21.84
N LEU B 18 9.06 -19.75 21.07
CA LEU B 18 8.05 -20.64 20.42
C LEU B 18 7.53 -21.64 21.47
N VAL B 19 6.21 -21.66 21.71
CA VAL B 19 5.54 -22.53 22.71
C VAL B 19 5.08 -23.82 22.02
N GLU B 20 4.12 -23.71 21.11
CA GLU B 20 3.41 -24.86 20.47
C GLU B 20 3.35 -24.65 18.95
N LEU B 21 3.61 -25.71 18.18
CA LEU B 21 3.36 -25.78 16.72
C LEU B 21 1.84 -25.94 16.50
N VAL B 22 1.20 -24.94 15.87
CA VAL B 22 -0.28 -24.83 15.74
C VAL B 22 -0.71 -25.19 14.31
N GLY B 23 0.17 -25.02 13.32
CA GLY B 23 -0.14 -25.35 11.90
C GLY B 23 1.03 -25.07 10.98
N ASN B 24 0.75 -24.97 9.68
CA ASN B 24 1.76 -24.73 8.61
C ASN B 24 1.23 -23.67 7.63
N GLY B 25 2.10 -22.78 7.16
CA GLY B 25 1.84 -21.83 6.07
C GLY B 25 2.29 -22.40 4.72
N THR B 26 2.25 -21.58 3.67
CA THR B 26 2.67 -21.97 2.29
C THR B 26 4.19 -22.15 2.25
N TYR B 27 4.93 -21.40 3.06
CA TYR B 27 6.42 -21.32 3.02
C TYR B 27 7.03 -21.93 4.29
N GLY B 28 6.53 -21.56 5.48
CA GLY B 28 7.15 -21.94 6.78
C GLY B 28 6.18 -22.67 7.70
N GLN B 29 6.63 -22.97 8.92
CA GLN B 29 5.83 -23.55 10.02
C GLN B 29 5.33 -22.42 10.92
N VAL B 30 4.09 -22.52 11.43
CA VAL B 30 3.43 -21.47 12.25
C VAL B 30 3.29 -21.98 13.69
N TYR B 31 3.74 -21.18 14.67
CA TYR B 31 3.81 -21.53 16.12
C TYR B 31 2.96 -20.56 16.94
N LYS B 32 2.49 -21.03 18.10
CA LYS B 32 1.97 -20.19 19.22
C LYS B 32 3.18 -19.56 19.90
N GLY B 33 3.39 -18.25 19.66
CA GLY B 33 4.48 -17.47 20.29
C GLY B 33 4.04 -16.89 21.62
N ARG B 34 5.00 -16.71 22.55
CA ARG B 34 4.78 -16.07 23.87
C ARG B 34 5.91 -15.07 24.11
N HIS B 35 5.57 -13.83 24.49
CA HIS B 35 6.55 -12.76 24.81
C HIS B 35 7.20 -13.07 26.16
N VAL B 36 8.54 -12.95 26.23
CA VAL B 36 9.38 -13.43 27.37
C VAL B 36 8.91 -12.77 28.68
N LYS B 37 8.72 -11.44 28.67
CA LYS B 37 8.37 -10.64 29.88
C LYS B 37 6.84 -10.54 30.02
N THR B 38 6.17 -9.95 29.03
CA THR B 38 4.73 -9.55 29.09
C THR B 38 3.83 -10.79 29.05
N GLY B 39 4.21 -11.83 28.28
CA GLY B 39 3.45 -13.08 28.13
C GLY B 39 2.31 -12.94 27.12
N GLN B 40 2.40 -11.95 26.22
CA GLN B 40 1.43 -11.74 25.11
C GLN B 40 1.57 -12.88 24.09
N LEU B 41 0.45 -13.42 23.62
CA LEU B 41 0.40 -14.50 22.59
C LEU B 41 0.48 -13.87 21.20
N ALA B 42 1.23 -14.51 20.29
CA ALA B 42 1.40 -14.10 18.88
C ALA B 42 1.60 -15.36 18.01
N ALA B 43 1.07 -15.33 16.78
CA ALA B 43 1.35 -16.34 15.73
C ALA B 43 2.70 -15.98 15.09
N ILE B 44 3.67 -16.91 15.15
CA ILE B 44 5.03 -16.73 14.57
C ILE B 44 5.25 -17.80 13.49
N LYS B 45 5.39 -17.38 12.23
CA LYS B 45 5.73 -18.26 11.09
C LYS B 45 7.26 -18.31 10.96
N VAL B 46 7.84 -19.49 11.16
CA VAL B 46 9.31 -19.77 11.04
C VAL B 46 9.58 -20.37 9.67
N MET B 47 10.38 -19.69 8.83
CA MET B 47 10.80 -20.17 7.49
C MET B 47 12.30 -19.96 7.32
N ASP B 48 12.96 -20.84 6.57
CA ASP B 48 14.41 -20.76 6.24
C ASP B 48 14.59 -19.71 5.13
N VAL B 49 15.55 -18.79 5.30
CA VAL B 49 15.92 -17.75 4.30
C VAL B 49 17.00 -18.33 3.38
N THR B 50 16.61 -18.74 2.17
CA THR B 50 17.52 -19.27 1.11
C THR B 50 18.34 -18.11 0.52
N GLY B 51 17.65 -17.05 0.09
CA GLY B 51 18.21 -15.93 -0.70
C GLY B 51 17.65 -15.92 -2.10
N ASP B 52 17.16 -17.06 -2.58
CA ASP B 52 16.57 -17.26 -3.93
C ASP B 52 15.06 -16.99 -3.88
N GLU B 53 14.48 -16.96 -2.67
CA GLU B 53 13.03 -16.73 -2.44
C GLU B 53 12.83 -15.44 -1.63
N GLU B 54 13.64 -14.41 -1.92
CA GLU B 54 13.57 -13.07 -1.27
C GLU B 54 12.80 -12.11 -2.19
N GLU B 55 11.61 -12.53 -2.64
CA GLU B 55 10.66 -11.73 -3.45
C GLU B 55 9.24 -12.00 -2.93
N GLU B 56 8.83 -13.26 -2.92
CA GLU B 56 7.54 -13.75 -2.34
C GLU B 56 7.48 -13.45 -0.84
N ILE B 57 8.63 -13.46 -0.16
CA ILE B 57 8.75 -13.10 1.29
C ILE B 57 8.57 -11.58 1.43
N LYS B 58 9.29 -10.79 0.65
CA LYS B 58 9.18 -9.31 0.58
C LYS B 58 7.72 -8.94 0.28
N GLN B 59 7.14 -9.59 -0.75
CA GLN B 59 5.73 -9.43 -1.18
C GLN B 59 4.80 -9.63 0.02
N GLU B 60 4.94 -10.75 0.73
CA GLU B 60 4.07 -11.14 1.88
C GLU B 60 4.16 -10.08 2.98
N ILE B 61 5.38 -9.69 3.37
CA ILE B 61 5.64 -8.69 4.45
C ILE B 61 4.98 -7.35 4.07
N ASN B 62 5.06 -6.96 2.79
CA ASN B 62 4.53 -5.68 2.26
C ASN B 62 2.99 -5.71 2.29
N MET B 63 2.38 -6.82 1.85
CA MET B 63 0.91 -7.04 1.93
C MET B 63 0.44 -6.80 3.37
N LEU B 64 1.16 -7.39 4.35
CA LEU B 64 0.81 -7.36 5.78
C LEU B 64 0.98 -5.94 6.35
N LYS B 65 2.10 -5.28 6.05
CA LYS B 65 2.42 -3.90 6.51
C LYS B 65 1.33 -2.93 6.00
N LYS B 66 0.86 -3.13 4.77
CA LYS B 66 -0.08 -2.21 4.07
C LYS B 66 -1.52 -2.40 4.58
N TYR B 67 -2.00 -3.65 4.62
CA TYR B 67 -3.46 -3.97 4.63
C TYR B 67 -3.93 -4.66 5.92
N SER B 68 -3.02 -5.21 6.75
CA SER B 68 -3.37 -6.09 7.90
C SER B 68 -4.00 -5.29 9.06
N HIS B 69 -3.96 -3.96 9.00
CA HIS B 69 -4.65 -3.05 9.96
C HIS B 69 -6.15 -3.34 9.98
N HIS B 70 -6.72 -3.74 8.83
CA HIS B 70 -8.16 -4.05 8.63
C HIS B 70 -8.64 -5.09 9.65
N ARG B 71 -9.90 -4.99 10.07
CA ARG B 71 -10.52 -5.81 11.15
C ARG B 71 -10.65 -7.27 10.71
N ASN B 72 -10.79 -7.52 9.39
CA ASN B 72 -11.03 -8.87 8.80
C ASN B 72 -9.72 -9.48 8.26
N ILE B 73 -8.57 -8.92 8.67
N ILE B 73 -8.57 -8.92 8.67
CA ILE B 73 -7.21 -9.47 8.34
CA ILE B 73 -7.21 -9.44 8.35
C ILE B 73 -6.41 -9.54 9.64
C ILE B 73 -6.42 -9.54 9.67
N ALA B 74 -5.71 -10.67 9.87
CA ALA B 74 -4.88 -10.90 11.08
C ALA B 74 -3.69 -9.94 11.06
N THR B 75 -3.54 -9.14 12.12
CA THR B 75 -2.64 -7.95 12.19
C THR B 75 -1.18 -8.41 12.35
N TYR B 76 -0.29 -7.88 11.50
CA TYR B 76 1.17 -8.16 11.48
C TYR B 76 1.88 -7.21 12.44
N TYR B 77 2.67 -7.76 13.37
CA TYR B 77 3.36 -7.01 14.45
C TYR B 77 4.78 -6.62 14.00
N GLY B 78 5.54 -7.57 13.45
CA GLY B 78 6.90 -7.33 12.94
C GLY B 78 7.64 -8.63 12.60
N ALA B 79 8.94 -8.53 12.34
CA ALA B 79 9.80 -9.64 11.88
C ALA B 79 11.07 -9.72 12.74
N PHE B 80 11.65 -10.93 12.86
CA PHE B 80 12.96 -11.21 13.48
C PHE B 80 13.73 -12.20 12.58
N ILE B 81 15.07 -12.21 12.70
CA ILE B 81 15.96 -13.15 11.94
C ILE B 81 16.96 -13.77 12.92
N LYS B 82 16.97 -15.10 13.01
CA LYS B 82 17.95 -15.89 13.80
C LYS B 82 18.97 -16.51 12.85
N LYS B 83 20.26 -16.19 13.04
CA LYS B 83 21.37 -16.57 12.11
C LYS B 83 21.87 -17.97 12.45
N ASN B 84 21.69 -18.93 11.54
CA ASN B 84 22.37 -20.26 11.53
C ASN B 84 23.83 -20.04 11.17
N PRO B 85 24.73 -21.02 11.42
CA PRO B 85 26.15 -20.87 11.07
C PRO B 85 26.36 -20.44 9.62
N PRO B 86 27.38 -19.61 9.31
CA PRO B 86 27.68 -19.21 7.95
C PRO B 86 27.72 -20.40 6.97
N GLY B 87 27.09 -20.25 5.80
CA GLY B 87 26.98 -21.30 4.76
C GLY B 87 25.70 -22.10 4.91
N MET B 88 24.88 -21.80 5.91
CA MET B 88 23.56 -22.44 6.17
C MET B 88 22.46 -21.38 6.10
N ASP B 89 21.24 -21.80 5.76
CA ASP B 89 20.05 -20.92 5.62
C ASP B 89 19.64 -20.38 7.00
N ASP B 90 19.47 -19.07 7.12
CA ASP B 90 19.01 -18.37 8.36
C ASP B 90 17.51 -18.61 8.54
N GLN B 91 16.98 -18.27 9.72
CA GLN B 91 15.53 -18.39 10.07
C GLN B 91 14.91 -16.99 10.12
N LEU B 92 13.85 -16.77 9.33
CA LEU B 92 13.00 -15.54 9.36
C LEU B 92 11.76 -15.84 10.21
N TRP B 93 11.48 -14.99 11.21
CA TRP B 93 10.27 -15.03 12.06
C TRP B 93 9.35 -13.88 11.68
N LEU B 94 8.16 -14.17 11.15
CA LEU B 94 7.07 -13.18 10.95
C LEU B 94 6.09 -13.30 12.12
N VAL B 95 5.94 -12.23 12.91
CA VAL B 95 5.11 -12.19 14.15
C VAL B 95 3.78 -11.52 13.82
N MET B 96 2.67 -12.12 14.27
CA MET B 96 1.28 -11.77 13.85
C MET B 96 0.32 -11.99 15.03
N GLU B 97 -0.84 -11.32 14.98
CA GLU B 97 -1.99 -11.53 15.90
C GLU B 97 -2.30 -13.03 15.98
N PHE B 98 -2.37 -13.57 17.20
CA PHE B 98 -2.72 -14.99 17.48
C PHE B 98 -4.25 -15.12 17.50
N CYS B 99 -4.82 -15.88 16.57
CA CYS B 99 -6.27 -16.19 16.45
C CYS B 99 -6.56 -17.50 17.20
N GLY B 100 -6.92 -17.38 18.49
CA GLY B 100 -6.95 -18.47 19.48
C GLY B 100 -7.77 -19.68 19.03
N ALA B 101 -8.97 -19.45 18.50
CA ALA B 101 -9.97 -20.49 18.17
C ALA B 101 -9.51 -21.35 16.98
N GLY B 102 -8.53 -20.88 16.21
CA GLY B 102 -7.97 -21.60 15.05
C GLY B 102 -8.74 -21.28 13.77
N SER B 103 -8.67 -22.19 12.78
CA SER B 103 -9.19 -21.99 11.41
C SER B 103 -10.63 -22.52 11.30
N VAL B 104 -11.30 -22.18 10.19
CA VAL B 104 -12.66 -22.68 9.82
C VAL B 104 -12.58 -24.20 9.62
N THR B 105 -11.45 -24.69 9.08
CA THR B 105 -11.16 -26.14 8.86
C THR B 105 -11.13 -26.86 10.22
N ASP B 106 -10.48 -26.26 11.23
CA ASP B 106 -10.38 -26.79 12.61
C ASP B 106 -11.77 -26.85 13.25
N LEU B 107 -12.66 -25.91 12.91
CA LEU B 107 -14.04 -25.80 13.46
C LEU B 107 -14.91 -26.91 12.87
N ILE B 108 -14.78 -27.17 11.56
CA ILE B 108 -15.56 -28.19 10.80
C ILE B 108 -15.30 -29.58 11.39
N LYS B 109 -14.02 -29.95 11.56
CA LYS B 109 -13.58 -31.28 12.04
C LYS B 109 -14.04 -31.50 13.49
N ASN B 110 -14.08 -30.43 14.29
CA ASN B 110 -14.52 -30.46 15.72
C ASN B 110 -16.00 -30.07 15.81
N THR B 111 -16.82 -30.50 14.85
CA THR B 111 -18.29 -30.32 14.81
C THR B 111 -18.94 -31.66 14.45
N LYS B 112 -20.01 -32.03 15.16
CA LYS B 112 -20.73 -33.32 15.02
C LYS B 112 -21.52 -33.32 13.70
N GLY B 113 -21.13 -34.20 12.77
CA GLY B 113 -21.71 -34.31 11.41
C GLY B 113 -20.83 -33.66 10.35
N ASN B 114 -19.78 -32.94 10.79
CA ASN B 114 -18.86 -32.17 9.91
C ASN B 114 -19.69 -31.23 9.03
N THR B 115 -20.49 -30.36 9.66
CA THR B 115 -21.37 -29.37 8.99
C THR B 115 -21.69 -28.23 9.97
N LEU B 116 -21.50 -26.98 9.55
CA LEU B 116 -21.81 -25.75 10.31
C LEU B 116 -23.24 -25.32 9.96
N LYS B 117 -23.94 -24.65 10.89
CA LYS B 117 -25.29 -24.07 10.68
C LYS B 117 -25.23 -23.10 9.48
N GLU B 118 -26.31 -23.04 8.69
CA GLU B 118 -26.42 -22.14 7.52
C GLU B 118 -26.21 -20.68 7.97
N GLU B 119 -26.65 -20.36 9.19
CA GLU B 119 -26.50 -19.02 9.82
C GLU B 119 -25.01 -18.69 10.02
N TRP B 120 -24.21 -19.69 10.42
CA TRP B 120 -22.75 -19.55 10.68
C TRP B 120 -22.02 -19.28 9.37
N ILE B 121 -22.36 -20.03 8.31
CA ILE B 121 -21.76 -19.91 6.95
C ILE B 121 -21.96 -18.48 6.44
N ALA B 122 -23.18 -17.95 6.60
CA ALA B 122 -23.60 -16.59 6.17
C ALA B 122 -22.75 -15.53 6.88
N TYR B 123 -22.58 -15.66 8.20
CA TYR B 123 -21.79 -14.72 9.04
C TYR B 123 -20.32 -14.72 8.60
N ILE B 124 -19.72 -15.91 8.46
CA ILE B 124 -18.28 -16.10 8.11
C ILE B 124 -18.04 -15.60 6.68
N CYS B 125 -18.91 -15.97 5.74
CA CYS B 125 -18.82 -15.59 4.30
C CYS B 125 -18.88 -14.07 4.13
N ARG B 126 -19.65 -13.39 4.99
CA ARG B 126 -19.78 -11.90 5.01
C ARG B 126 -18.44 -11.29 5.45
N GLU B 127 -17.88 -11.79 6.55
CA GLU B 127 -16.62 -11.28 7.17
C GLU B 127 -15.44 -11.54 6.23
N ILE B 128 -15.46 -12.65 5.48
CA ILE B 128 -14.45 -12.95 4.41
C ILE B 128 -14.61 -11.90 3.31
N LEU B 129 -15.84 -11.65 2.86
CA LEU B 129 -16.16 -10.68 1.77
C LEU B 129 -15.73 -9.27 2.17
N ARG B 130 -15.93 -8.89 3.44
CA ARG B 130 -15.45 -7.60 4.02
C ARG B 130 -13.92 -7.52 3.88
N GLY B 131 -13.22 -8.60 4.24
CA GLY B 131 -11.76 -8.74 4.09
C GLY B 131 -11.34 -8.69 2.63
N LEU B 132 -12.06 -9.42 1.76
CA LEU B 132 -11.79 -9.48 0.29
C LEU B 132 -12.06 -8.10 -0.34
N SER B 133 -13.16 -7.44 0.06
CA SER B 133 -13.57 -6.10 -0.42
C SER B 133 -12.44 -5.09 -0.19
N HIS B 134 -11.84 -5.11 1.00
CA HIS B 134 -10.69 -4.26 1.39
C HIS B 134 -9.52 -4.53 0.44
N LEU B 135 -9.14 -5.80 0.28
CA LEU B 135 -7.97 -6.22 -0.56
C LEU B 135 -8.25 -5.88 -2.03
N HIS B 136 -9.45 -6.18 -2.52
CA HIS B 136 -9.88 -5.99 -3.93
C HIS B 136 -9.87 -4.49 -4.29
N GLN B 137 -10.25 -3.61 -3.34
CA GLN B 137 -10.25 -2.14 -3.52
CA GLN B 137 -10.25 -2.15 -3.56
C GLN B 137 -8.81 -1.63 -3.67
N HIS B 138 -7.86 -2.33 -3.04
CA HIS B 138 -6.41 -2.02 -3.07
C HIS B 138 -5.69 -2.88 -4.14
N LYS B 139 -6.46 -3.45 -5.08
CA LYS B 139 -5.93 -4.17 -6.27
C LYS B 139 -5.12 -5.39 -5.83
N VAL B 140 -5.56 -6.08 -4.76
CA VAL B 140 -4.92 -7.31 -4.22
C VAL B 140 -5.83 -8.50 -4.50
N ILE B 141 -5.28 -9.57 -5.09
CA ILE B 141 -5.94 -10.92 -5.19
C ILE B 141 -5.25 -11.84 -4.18
N HIS B 142 -6.01 -12.41 -3.24
CA HIS B 142 -5.51 -13.34 -2.20
C HIS B 142 -5.00 -14.63 -2.85
N ARG B 143 -5.85 -15.32 -3.62
CA ARG B 143 -5.52 -16.46 -4.51
C ARG B 143 -5.49 -17.79 -3.75
N ASP B 144 -5.59 -17.78 -2.41
CA ASP B 144 -5.56 -19.00 -1.58
C ASP B 144 -6.65 -18.92 -0.50
N ILE B 145 -7.85 -18.45 -0.87
CA ILE B 145 -9.04 -18.40 0.03
C ILE B 145 -9.54 -19.84 0.22
N LYS B 146 -9.58 -20.30 1.48
CA LYS B 146 -10.02 -21.66 1.88
C LYS B 146 -10.16 -21.69 3.41
N GLY B 147 -10.88 -22.69 3.94
CA GLY B 147 -11.16 -22.84 5.37
C GLY B 147 -9.91 -22.69 6.23
N GLN B 148 -8.78 -23.22 5.77
CA GLN B 148 -7.48 -23.23 6.49
C GLN B 148 -6.95 -21.80 6.67
N ASN B 149 -7.23 -20.90 5.73
CA ASN B 149 -6.68 -19.51 5.69
C ASN B 149 -7.71 -18.51 6.22
N VAL B 150 -8.85 -18.98 6.74
CA VAL B 150 -9.85 -18.15 7.47
C VAL B 150 -9.81 -18.57 8.94
N LEU B 151 -9.32 -17.69 9.81
CA LEU B 151 -9.10 -17.97 11.26
C LEU B 151 -10.10 -17.19 12.11
N LEU B 152 -10.29 -17.63 13.36
CA LEU B 152 -11.23 -17.03 14.35
C LEU B 152 -10.50 -16.80 15.67
N THR B 153 -10.78 -15.66 16.33
CA THR B 153 -10.15 -15.24 17.62
C THR B 153 -10.92 -15.86 18.79
N GLU B 154 -10.53 -15.52 20.02
N GLU B 154 -10.51 -15.54 20.01
CA GLU B 154 -11.21 -15.95 21.27
CA GLU B 154 -11.20 -15.92 21.29
C GLU B 154 -12.69 -15.52 21.23
C GLU B 154 -12.68 -15.53 21.20
N ASN B 155 -12.98 -14.34 20.67
CA ASN B 155 -14.35 -13.75 20.60
C ASN B 155 -14.95 -13.95 19.20
N ALA B 156 -14.48 -14.95 18.45
CA ALA B 156 -15.08 -15.43 17.18
C ALA B 156 -15.04 -14.34 16.10
N GLU B 157 -14.03 -13.46 16.13
CA GLU B 157 -13.77 -12.44 15.08
C GLU B 157 -13.04 -13.12 13.92
N VAL B 158 -13.55 -12.99 12.70
CA VAL B 158 -13.01 -13.66 11.48
C VAL B 158 -11.81 -12.86 10.96
N LYS B 159 -10.70 -13.55 10.66
CA LYS B 159 -9.43 -12.96 10.17
C LYS B 159 -8.89 -13.80 9.00
N LEU B 160 -8.58 -13.17 7.87
CA LEU B 160 -7.88 -13.80 6.73
C LEU B 160 -6.37 -13.80 7.01
N VAL B 161 -5.67 -14.87 6.62
CA VAL B 161 -4.20 -15.05 6.85
C VAL B 161 -3.55 -15.63 5.58
N ASP B 162 -2.22 -15.65 5.56
CA ASP B 162 -1.36 -16.27 4.51
C ASP B 162 -1.53 -15.52 3.19
N PHE B 163 -0.67 -14.52 2.95
CA PHE B 163 -0.57 -13.75 1.69
C PHE B 163 0.62 -14.24 0.87
N GLY B 164 1.00 -15.51 1.07
CA GLY B 164 2.20 -16.15 0.49
C GLY B 164 2.17 -16.14 -1.04
N VAL B 165 1.00 -16.43 -1.63
CA VAL B 165 0.83 -16.58 -3.10
C VAL B 165 -0.01 -15.42 -3.66
N SER B 166 -0.34 -14.41 -2.83
CA SER B 166 -1.19 -13.26 -3.21
C SER B 166 -0.46 -12.35 -4.22
N ALA B 167 -1.23 -11.58 -5.00
CA ALA B 167 -0.74 -10.71 -6.09
C ALA B 167 -1.07 -9.24 -5.76
N GLN B 168 -0.18 -8.32 -6.14
CA GLN B 168 -0.36 -6.85 -6.05
C GLN B 168 -0.43 -6.28 -7.47
N LEU B 169 -1.58 -5.70 -7.84
CA LEU B 169 -1.84 -5.11 -9.19
C LEU B 169 -1.65 -3.60 -9.14
N ASP B 170 -1.30 -2.99 -10.28
CA ASP B 170 -1.01 -1.54 -10.43
C ASP B 170 -2.31 -0.81 -10.82
N ARG B 171 -3.00 -1.29 -11.85
CA ARG B 171 -4.25 -0.70 -12.40
C ARG B 171 -5.46 -1.43 -11.81
N TPO B 172 -6.61 -0.77 -11.87
CA TPO B 172 -7.85 -1.29 -11.29
CB TPO B 172 -8.89 -0.17 -11.13
CG2 TPO B 172 -10.13 -0.62 -10.40
OG1 TPO B 172 -8.28 0.91 -10.33
P TPO B 172 -7.94 2.36 -10.95
O1P TPO B 172 -9.21 2.81 -11.65
O2P TPO B 172 -7.56 3.24 -9.78
O3P TPO B 172 -6.79 2.14 -11.93
C TPO B 172 -8.40 -2.42 -12.15
O TPO B 172 -9.03 -3.34 -11.64
N VAL B 173 -8.14 -2.36 -13.46
CA VAL B 173 -8.62 -3.35 -14.41
C VAL B 173 -7.45 -4.27 -14.82
N GLY B 174 -6.41 -4.38 -13.99
CA GLY B 174 -5.24 -5.24 -14.21
C GLY B 174 -5.59 -6.71 -14.15
N ARG B 175 -4.76 -7.57 -14.76
CA ARG B 175 -4.98 -9.03 -14.86
C ARG B 175 -3.70 -9.78 -14.46
N ARG B 176 -3.84 -11.05 -14.06
CA ARG B 176 -2.72 -11.97 -13.73
C ARG B 176 -2.93 -13.30 -14.47
N ASN B 177 -1.88 -14.11 -14.62
CA ASN B 177 -1.91 -15.39 -15.39
C ASN B 177 -0.92 -16.40 -14.80
N TPO B 178 -0.79 -16.43 -13.48
CA TPO B 178 0.08 -17.37 -12.81
CB TPO B 178 0.89 -16.70 -11.69
CG2 TPO B 178 1.84 -17.65 -11.00
OG1 TPO B 178 1.70 -15.64 -12.32
P TPO B 178 1.87 -14.20 -11.63
O1P TPO B 178 0.59 -13.44 -11.94
O2P TPO B 178 2.04 -14.48 -10.14
O3P TPO B 178 3.10 -13.59 -12.27
C TPO B 178 -0.76 -18.54 -12.28
O TPO B 178 -1.71 -18.33 -11.53
N PHE B 179 -0.40 -19.76 -12.71
CA PHE B 179 -1.01 -20.98 -12.20
C PHE B 179 -0.56 -21.17 -10.75
N ILE B 180 -1.42 -20.80 -9.79
CA ILE B 180 -1.08 -20.75 -8.33
C ILE B 180 -2.37 -20.86 -7.50
N GLY B 181 -2.29 -21.50 -6.33
CA GLY B 181 -3.39 -21.71 -5.38
C GLY B 181 -3.43 -23.14 -4.85
N THR B 182 -4.55 -23.53 -4.23
CA THR B 182 -4.83 -24.92 -3.79
C THR B 182 -5.84 -25.54 -4.75
N PRO B 183 -5.46 -26.58 -5.52
CA PRO B 183 -6.26 -27.11 -6.62
C PRO B 183 -7.80 -27.10 -6.45
N TYR B 184 -8.28 -27.61 -5.32
CA TYR B 184 -9.73 -27.85 -5.06
C TYR B 184 -10.50 -26.52 -5.00
N TRP B 185 -9.84 -25.45 -4.54
CA TRP B 185 -10.46 -24.11 -4.33
C TRP B 185 -10.22 -23.18 -5.53
N MET B 186 -9.42 -23.62 -6.51
CA MET B 186 -9.00 -22.78 -7.67
C MET B 186 -10.14 -22.69 -8.69
N ALA B 187 -10.33 -21.50 -9.28
CA ALA B 187 -11.36 -21.19 -10.29
C ALA B 187 -10.91 -21.67 -11.66
N PRO B 188 -11.85 -21.89 -12.62
CA PRO B 188 -11.50 -22.33 -13.97
C PRO B 188 -10.47 -21.45 -14.69
N GLU B 189 -10.64 -20.12 -14.62
CA GLU B 189 -9.79 -19.12 -15.34
C GLU B 189 -8.37 -19.15 -14.79
N VAL B 190 -8.19 -19.50 -13.51
CA VAL B 190 -6.85 -19.61 -12.84
C VAL B 190 -6.17 -20.90 -13.33
N ILE B 191 -6.91 -22.02 -13.32
CA ILE B 191 -6.42 -23.36 -13.75
C ILE B 191 -6.02 -23.30 -15.23
N ALA B 192 -6.79 -22.55 -16.04
CA ALA B 192 -6.62 -22.42 -17.52
C ALA B 192 -5.22 -21.90 -17.88
N CYS B 193 -4.60 -21.12 -16.98
CA CYS B 193 -3.29 -20.46 -17.19
C CYS B 193 -2.13 -21.47 -17.14
N ASP B 194 -2.38 -22.69 -16.65
CA ASP B 194 -1.41 -23.81 -16.64
C ASP B 194 -1.07 -24.22 -18.09
N GLU B 195 -2.12 -24.45 -18.90
CA GLU B 195 -2.00 -24.94 -20.30
C GLU B 195 -1.95 -23.74 -21.26
N ASN B 196 -2.94 -22.85 -21.20
CA ASN B 196 -3.13 -21.72 -22.13
C ASN B 196 -2.30 -20.53 -21.67
N PRO B 197 -1.25 -20.11 -22.44
CA PRO B 197 -0.45 -18.93 -22.08
C PRO B 197 -1.21 -17.61 -22.18
N ASP B 198 -2.22 -17.52 -23.05
CA ASP B 198 -2.99 -16.29 -23.36
C ASP B 198 -4.22 -16.18 -22.47
N ALA B 199 -4.32 -16.99 -21.41
CA ALA B 199 -5.42 -16.97 -20.41
C ALA B 199 -5.04 -16.02 -19.27
N THR B 200 -6.01 -15.24 -18.77
CA THR B 200 -5.83 -14.24 -17.68
C THR B 200 -7.00 -14.35 -16.68
N TYR B 201 -6.79 -13.87 -15.45
CA TYR B 201 -7.82 -13.81 -14.37
C TYR B 201 -7.60 -12.56 -13.51
N ASP B 202 -8.63 -12.16 -12.77
CA ASP B 202 -8.65 -10.94 -11.90
C ASP B 202 -9.15 -11.33 -10.51
N PHE B 203 -9.66 -10.35 -9.75
CA PHE B 203 -10.16 -10.48 -8.35
C PHE B 203 -11.34 -11.47 -8.27
N LYS B 204 -12.00 -11.74 -9.41
CA LYS B 204 -13.16 -12.67 -9.50
C LYS B 204 -12.80 -14.05 -8.92
N SER B 205 -11.56 -14.51 -9.15
CA SER B 205 -11.06 -15.85 -8.76
C SER B 205 -11.23 -16.10 -7.26
N ASP B 206 -11.05 -15.06 -6.43
CA ASP B 206 -11.17 -15.13 -4.94
C ASP B 206 -12.62 -15.45 -4.55
N LEU B 207 -13.60 -15.04 -5.35
CA LEU B 207 -15.05 -15.19 -5.06
C LEU B 207 -15.49 -16.63 -5.36
N TRP B 208 -14.92 -17.26 -6.41
CA TRP B 208 -15.09 -18.70 -6.69
C TRP B 208 -14.57 -19.51 -5.50
N SER B 209 -13.38 -19.16 -5.00
CA SER B 209 -12.70 -19.81 -3.85
C SER B 209 -13.55 -19.69 -2.58
N LEU B 210 -14.23 -18.55 -2.39
CA LEU B 210 -15.19 -18.33 -1.28
C LEU B 210 -16.40 -19.27 -1.48
N GLY B 211 -16.80 -19.50 -2.73
CA GLY B 211 -17.84 -20.46 -3.12
C GLY B 211 -17.51 -21.87 -2.65
N ILE B 212 -16.29 -22.32 -2.92
CA ILE B 212 -15.79 -23.68 -2.52
C ILE B 212 -15.65 -23.71 -0.99
N THR B 213 -15.17 -22.62 -0.39
CA THR B 213 -14.99 -22.45 1.08
C THR B 213 -16.35 -22.55 1.78
N ALA B 214 -17.42 -22.03 1.15
CA ALA B 214 -18.80 -22.08 1.65
C ALA B 214 -19.32 -23.52 1.63
N ILE B 215 -19.12 -24.21 0.49
CA ILE B 215 -19.44 -25.66 0.32
C ILE B 215 -18.62 -26.48 1.32
N GLU B 216 -17.35 -26.10 1.54
CA GLU B 216 -16.43 -26.73 2.53
C GLU B 216 -17.04 -26.63 3.94
N MET B 217 -17.57 -25.46 4.30
CA MET B 217 -18.22 -25.20 5.61
C MET B 217 -19.54 -25.97 5.72
N ALA B 218 -20.22 -26.20 4.59
CA ALA B 218 -21.56 -26.85 4.52
C ALA B 218 -21.41 -28.38 4.57
N GLU B 219 -20.66 -28.95 3.62
CA GLU B 219 -20.58 -30.42 3.39
C GLU B 219 -19.38 -31.02 4.15
N GLY B 220 -18.57 -30.19 4.82
CA GLY B 220 -17.47 -30.63 5.69
C GLY B 220 -16.13 -30.69 4.96
N ALA B 221 -16.13 -30.57 3.63
CA ALA B 221 -14.93 -30.66 2.76
C ALA B 221 -15.29 -30.20 1.35
N PRO B 222 -14.30 -29.76 0.53
CA PRO B 222 -14.59 -29.21 -0.80
C PRO B 222 -14.96 -30.28 -1.82
N PRO B 223 -15.58 -29.90 -2.97
CA PRO B 223 -15.83 -30.84 -4.05
C PRO B 223 -14.54 -31.48 -4.60
N LEU B 224 -14.60 -32.77 -4.95
CA LEU B 224 -13.50 -33.58 -5.51
C LEU B 224 -12.31 -33.65 -4.53
N CYS B 225 -12.59 -33.70 -3.23
N CYS B 225 -12.60 -33.70 -3.22
CA CYS B 225 -11.58 -33.74 -2.14
CA CYS B 225 -11.60 -33.74 -2.13
C CYS B 225 -10.88 -35.11 -2.11
C CYS B 225 -10.88 -35.11 -2.12
N ASP B 226 -11.65 -36.19 -2.25
CA ASP B 226 -11.15 -37.59 -2.21
C ASP B 226 -10.24 -37.88 -3.40
N MET B 227 -10.45 -37.21 -4.54
CA MET B 227 -9.68 -37.42 -5.80
C MET B 227 -8.32 -36.73 -5.69
N HIS B 228 -7.37 -37.11 -6.55
CA HIS B 228 -6.01 -36.53 -6.64
C HIS B 228 -6.13 -35.10 -7.18
N PRO B 229 -5.35 -34.13 -6.66
CA PRO B 229 -5.47 -32.73 -7.09
C PRO B 229 -5.36 -32.51 -8.61
N MET B 230 -4.43 -33.22 -9.27
N MET B 230 -4.47 -33.25 -9.27
CA MET B 230 -4.20 -33.17 -10.74
CA MET B 230 -4.20 -33.14 -10.74
C MET B 230 -5.45 -33.62 -11.49
C MET B 230 -5.41 -33.68 -11.52
N ARG B 231 -6.23 -34.54 -10.90
CA ARG B 231 -7.51 -35.03 -11.49
C ARG B 231 -8.58 -33.94 -11.30
N ALA B 232 -8.61 -33.31 -10.12
CA ALA B 232 -9.53 -32.20 -9.79
C ALA B 232 -9.24 -31.00 -10.71
N LEU B 233 -7.96 -30.76 -11.04
CA LEU B 233 -7.52 -29.68 -11.97
C LEU B 233 -8.06 -29.93 -13.37
N PHE B 234 -8.14 -31.20 -13.79
CA PHE B 234 -8.70 -31.61 -15.11
C PHE B 234 -10.22 -31.41 -15.14
N LEU B 235 -10.91 -31.66 -14.02
CA LEU B 235 -12.38 -31.82 -13.94
C LEU B 235 -13.08 -30.45 -13.77
N ILE B 236 -12.52 -29.54 -12.97
CA ILE B 236 -13.15 -28.23 -12.60
C ILE B 236 -13.53 -27.46 -13.87
N PRO B 237 -12.65 -27.34 -14.88
CA PRO B 237 -13.00 -26.67 -16.14
C PRO B 237 -14.05 -27.38 -16.99
N ARG B 238 -14.26 -28.70 -16.80
CA ARG B 238 -15.19 -29.53 -17.61
C ARG B 238 -16.53 -29.67 -16.88
N ASN B 239 -16.50 -30.12 -15.63
CA ASN B 239 -17.70 -30.44 -14.79
C ASN B 239 -18.57 -29.19 -14.64
N PRO B 240 -19.91 -29.34 -14.66
CA PRO B 240 -20.81 -28.25 -14.27
C PRO B 240 -20.51 -27.73 -12.86
N ALA B 241 -20.62 -26.41 -12.66
CA ALA B 241 -20.31 -25.70 -11.40
C ALA B 241 -20.82 -26.49 -10.20
N PRO B 242 -19.95 -26.86 -9.23
CA PRO B 242 -20.38 -27.59 -8.04
C PRO B 242 -21.58 -26.95 -7.32
N ARG B 243 -22.62 -27.73 -7.08
CA ARG B 243 -23.83 -27.34 -6.30
C ARG B 243 -23.80 -28.07 -4.95
N LEU B 244 -24.68 -27.68 -4.02
CA LEU B 244 -24.86 -28.34 -2.70
C LEU B 244 -25.56 -29.70 -2.91
N LYS B 245 -25.25 -30.68 -2.06
CA LYS B 245 -25.80 -32.06 -2.13
C LYS B 245 -27.16 -32.11 -1.41
N SER B 246 -27.19 -31.76 -0.12
CA SER B 246 -28.39 -31.76 0.74
C SER B 246 -29.37 -30.67 0.29
N LYS B 247 -30.64 -30.76 0.74
CA LYS B 247 -31.73 -29.81 0.40
C LYS B 247 -32.31 -29.17 1.68
N LYS B 248 -31.64 -29.32 2.83
CA LYS B 248 -32.00 -28.59 4.08
C LYS B 248 -31.46 -27.16 3.99
N TRP B 249 -30.57 -26.89 3.01
CA TRP B 249 -30.03 -25.54 2.69
C TRP B 249 -31.10 -24.72 1.97
N SER B 250 -31.29 -23.47 2.36
CA SER B 250 -32.28 -22.52 1.80
C SER B 250 -31.92 -22.16 0.35
N LYS B 251 -32.87 -21.59 -0.39
CA LYS B 251 -32.71 -21.19 -1.81
C LYS B 251 -31.77 -19.98 -1.92
N LYS B 252 -31.67 -19.19 -0.84
CA LYS B 252 -30.79 -17.99 -0.76
C LYS B 252 -29.33 -18.42 -0.83
N PHE B 253 -28.94 -19.45 -0.06
CA PHE B 253 -27.57 -20.00 0.01
C PHE B 253 -27.22 -20.70 -1.30
N GLN B 254 -28.17 -21.44 -1.87
CA GLN B 254 -28.02 -22.15 -3.17
C GLN B 254 -27.69 -21.13 -4.27
N SER B 255 -28.32 -19.95 -4.24
CA SER B 255 -28.12 -18.86 -5.22
C SER B 255 -26.82 -18.10 -4.95
N PHE B 256 -26.39 -18.01 -3.68
CA PHE B 256 -25.08 -17.44 -3.28
C PHE B 256 -23.95 -18.31 -3.85
N ILE B 257 -24.08 -19.64 -3.69
CA ILE B 257 -23.16 -20.66 -4.28
C ILE B 257 -23.19 -20.54 -5.80
N GLU B 258 -24.38 -20.36 -6.39
CA GLU B 258 -24.60 -20.21 -7.86
C GLU B 258 -23.86 -18.96 -8.35
N SER B 259 -24.00 -17.84 -7.64
CA SER B 259 -23.35 -16.53 -7.94
C SER B 259 -21.83 -16.64 -7.78
N CYS B 260 -21.37 -17.20 -6.65
CA CYS B 260 -19.93 -17.43 -6.35
C CYS B 260 -19.31 -18.31 -7.44
N LEU B 261 -19.99 -19.40 -7.81
CA LEU B 261 -19.48 -20.43 -8.75
C LEU B 261 -20.17 -20.29 -10.11
N VAL B 262 -19.94 -19.17 -10.81
CA VAL B 262 -20.22 -19.00 -12.27
C VAL B 262 -18.89 -19.17 -13.00
N LYS B 263 -18.78 -20.18 -13.87
CA LYS B 263 -17.50 -20.65 -14.46
C LYS B 263 -16.89 -19.56 -15.35
N ASN B 264 -17.70 -18.94 -16.22
CA ASN B 264 -17.26 -17.88 -17.17
C ASN B 264 -17.15 -16.55 -16.41
N HIS B 265 -16.01 -16.34 -15.74
CA HIS B 265 -15.68 -15.18 -14.85
C HIS B 265 -16.45 -13.91 -15.24
N SER B 266 -16.57 -13.63 -16.54
CA SER B 266 -17.24 -12.42 -17.12
C SER B 266 -18.62 -12.20 -16.49
N GLN B 267 -19.38 -13.28 -16.25
CA GLN B 267 -20.79 -13.24 -15.77
C GLN B 267 -20.86 -13.37 -14.24
N ARG B 268 -19.73 -13.63 -13.57
CA ARG B 268 -19.64 -13.81 -12.10
C ARG B 268 -19.84 -12.47 -11.41
N PRO B 269 -20.84 -12.31 -10.50
CA PRO B 269 -20.97 -11.09 -9.70
C PRO B 269 -19.68 -10.72 -8.97
N ALA B 270 -19.36 -9.42 -8.93
CA ALA B 270 -18.18 -8.84 -8.25
C ALA B 270 -18.40 -8.87 -6.73
N THR B 271 -17.39 -8.46 -5.96
CA THR B 271 -17.34 -8.52 -4.47
C THR B 271 -18.51 -7.74 -3.87
N GLU B 272 -18.70 -6.49 -4.31
CA GLU B 272 -19.73 -5.55 -3.78
C GLU B 272 -21.13 -6.03 -4.14
N GLN B 273 -21.30 -6.66 -5.32
CA GLN B 273 -22.58 -7.25 -5.78
C GLN B 273 -22.95 -8.44 -4.90
N LEU B 274 -21.98 -9.31 -4.58
CA LEU B 274 -22.17 -10.51 -3.71
C LEU B 274 -22.44 -10.08 -2.25
N MET B 275 -21.97 -8.89 -1.86
N MET B 275 -21.97 -8.89 -1.87
CA MET B 275 -22.23 -8.28 -0.53
CA MET B 275 -22.22 -8.27 -0.54
C MET B 275 -23.72 -7.94 -0.40
C MET B 275 -23.72 -7.94 -0.40
N LYS B 276 -24.37 -7.60 -1.52
CA LYS B 276 -25.80 -7.20 -1.57
C LYS B 276 -26.71 -8.43 -1.76
N HIS B 277 -26.15 -9.61 -2.00
CA HIS B 277 -26.90 -10.89 -2.15
C HIS B 277 -27.60 -11.21 -0.83
N PRO B 278 -28.92 -11.49 -0.84
CA PRO B 278 -29.71 -11.61 0.40
C PRO B 278 -29.07 -12.48 1.49
N PHE B 279 -28.47 -13.61 1.12
CA PHE B 279 -27.78 -14.56 2.03
C PHE B 279 -26.80 -13.81 2.93
N ILE B 280 -26.03 -12.88 2.35
CA ILE B 280 -25.03 -12.02 3.07
C ILE B 280 -25.74 -10.79 3.62
N ARG B 281 -26.23 -9.92 2.72
CA ARG B 281 -26.81 -8.57 2.98
C ARG B 281 -26.78 -8.26 4.49
N ASP B 282 -27.87 -8.54 5.21
CA ASP B 282 -27.98 -8.36 6.69
C ASP B 282 -29.12 -9.25 7.21
N GLN B 283 -29.25 -10.45 6.63
CA GLN B 283 -30.40 -11.38 6.86
C GLN B 283 -30.18 -12.27 8.08
N PRO B 284 -28.93 -12.57 8.52
CA PRO B 284 -28.72 -13.28 9.79
C PRO B 284 -29.32 -12.55 11.00
N ASN B 285 -29.36 -13.24 12.15
CA ASN B 285 -29.96 -12.77 13.44
C ASN B 285 -31.09 -11.79 13.17
N ARG B 287 -24.75 -9.56 15.75
CA ARG B 287 -23.78 -10.11 16.74
C ARG B 287 -24.49 -11.09 17.68
N GLN B 288 -25.59 -11.71 17.23
CA GLN B 288 -26.40 -12.68 18.01
C GLN B 288 -26.08 -14.12 17.55
N VAL B 289 -25.16 -14.29 16.60
CA VAL B 289 -24.64 -15.61 16.13
C VAL B 289 -23.19 -15.80 16.61
N ARG B 290 -22.57 -14.74 17.16
CA ARG B 290 -21.13 -14.72 17.55
C ARG B 290 -20.96 -15.28 18.97
N ILE B 291 -21.93 -15.05 19.86
CA ILE B 291 -21.90 -15.51 21.28
C ILE B 291 -22.03 -17.04 21.27
N GLN B 292 -22.79 -17.59 20.31
CA GLN B 292 -22.94 -19.04 20.07
C GLN B 292 -21.59 -19.64 19.66
N LEU B 293 -20.92 -19.02 18.67
CA LEU B 293 -19.56 -19.42 18.21
C LEU B 293 -18.57 -19.33 19.38
N LYS B 294 -18.53 -18.17 20.05
CA LYS B 294 -17.64 -17.87 21.20
C LYS B 294 -17.77 -18.98 22.25
N ASP B 295 -19.00 -19.46 22.48
CA ASP B 295 -19.32 -20.56 23.45
C ASP B 295 -18.94 -21.90 22.81
N HIS B 296 -19.40 -22.16 21.58
CA HIS B 296 -19.09 -23.38 20.78
C HIS B 296 -17.57 -23.61 20.75
N ILE B 297 -16.80 -22.52 20.64
CA ILE B 297 -15.31 -22.52 20.74
C ILE B 297 -14.90 -22.88 22.16
N ASP B 298 -15.52 -22.25 23.15
CA ASP B 298 -15.18 -22.38 24.60
C ASP B 298 -15.54 -23.80 25.10
N ARG B 299 -16.58 -24.41 24.53
CA ARG B 299 -16.98 -25.81 24.84
C ARG B 299 -15.90 -26.78 24.32
N THR B 300 -15.33 -26.50 23.15
CA THR B 300 -14.22 -27.28 22.53
C THR B 300 -12.96 -27.18 23.40
N LYS B 301 -12.75 -26.02 24.04
CA LYS B 301 -11.62 -25.76 24.97
C LYS B 301 -11.86 -26.51 26.28
C10 A1D8H C . -7.03 8.59 -6.01
C13 A1D8H C . -8.32 10.43 -5.55
C15 A1D8H C . -3.86 10.34 -3.38
C17 A1D8H C . -1.06 13.28 1.48
C20 A1D8H C . 0.99 13.00 2.14
C21 A1D8H C . 2.41 12.40 2.24
C24 A1D8H C . 3.86 11.78 -1.18
C26 A1D8H C . 4.27 11.44 1.68
C28 A1D8H C . 3.18 12.28 3.36
O01 A1D8H C . -3.36 13.61 0.93
C02 A1D8H C . -2.37 13.02 0.68
N03 A1D8H C . -2.25 12.01 -0.40
C04 A1D8H C . -3.33 11.56 -1.34
C05 A1D8H C . -4.69 11.86 -1.17
C06 A1D8H C . -5.63 11.39 -2.11
C07 A1D8H C . -5.22 10.63 -3.22
N08 A1D8H C . -6.22 10.15 -4.20
C09 A1D8H C . -5.85 9.17 -5.21
N11 A1D8H C . -7.89 9.55 -6.51
C12 A1D8H C . -7.49 10.09 -7.62
C14 A1D8H C . -7.16 11.10 -4.81
C16 A1D8H C . -2.93 10.80 -2.44
C18 A1D8H C . -0.78 14.26 2.40
N19 A1D8H C . 0.49 14.07 2.80
N22 A1D8H C . 3.09 11.88 1.20
C23 A1D8H C . 2.65 11.76 -0.20
C25 A1D8H C . 1.81 10.47 -0.37
N27 A1D8H C . 4.32 11.71 3.01
C29 A1D8H C . 2.84 12.74 4.80
C30 A1D8H C . 3.81 13.40 5.55
C31 A1D8H C . 3.54 13.81 6.84
C32 A1D8H C . 2.28 13.56 7.41
F33 A1D8H C . 2.01 13.97 8.68
C34 A1D8H C . 1.31 12.89 6.66
C35 A1D8H C . 1.59 12.47 5.36
N36 A1D8H C . 0.02 12.54 1.32
C1 EDO D . 18.39 8.16 -3.52
O1 EDO D . 19.05 7.58 -2.41
C2 EDO D . 19.12 7.99 -4.80
O2 EDO D . 18.50 7.06 -5.67
C1 EDO E . 11.30 -4.99 15.05
O1 EDO E . 9.92 -5.21 15.33
C2 EDO E . 12.13 -6.21 15.22
O2 EDO E . 13.00 -6.46 14.13
MG MG F . -0.19 24.60 5.27
C10 A1D8H G . -6.99 -25.54 18.42
C13 A1D8H G . -5.52 -24.74 20.01
C15 A1D8H G . -4.62 -21.44 17.14
C17 A1D8H G . -2.17 -17.93 12.79
C20 A1D8H G . -1.24 -17.74 10.84
C21 A1D8H G . -0.61 -18.16 9.49
C24 A1D8H G . -2.69 -20.74 7.71
C26 A1D8H G . -0.21 -19.23 7.64
C28 A1D8H G . 0.45 -17.55 8.85
O01 A1D8H G . -2.98 -18.00 15.05
C02 A1D8H G . -2.79 -18.62 14.05
N03 A1D8H G . -3.14 -20.05 13.89
C04 A1D8H G . -3.74 -20.95 14.92
C05 A1D8H G . -4.00 -22.27 14.55
C06 A1D8H G . -4.57 -23.18 15.46
C07 A1D8H G . -4.88 -22.76 16.76
N08 A1D8H G . -5.47 -23.71 17.74
C09 A1D8H G . -6.18 -24.89 17.30
N11 A1D8H G . -6.22 -25.83 19.53
C12 A1D8H G . -6.87 -26.47 20.45
C14 A1D8H G . -4.69 -24.06 18.93
C16 A1D8H G . -4.06 -20.53 16.23
C18 A1D8H G . -2.02 -16.60 12.52
N19 A1D8H G . -1.44 -16.50 11.31
N22 A1D8H G . -1.00 -19.20 8.73
C23 A1D8H G . -2.10 -20.14 9.02
C25 A1D8H G . -1.57 -21.26 9.96
N27 A1D8H G . 0.68 -18.21 7.73
C29 A1D8H G . 1.26 -16.32 9.31
C30 A1D8H G . 1.74 -16.24 10.62
C31 A1D8H G . 2.48 -15.12 11.02
C32 A1D8H G . 2.76 -14.11 10.10
F33 A1D8H G . 3.49 -13.02 10.48
C34 A1D8H G . 2.29 -14.21 8.79
C35 A1D8H G . 1.55 -15.32 8.40
N36 A1D8H G . -1.70 -18.61 11.76
MG MG H . -6.22 -6.71 11.97
#